data_6WJH
#
_entry.id   6WJH
#
_cell.length_a   55.493
_cell.length_b   78.195
_cell.length_c   72.911
_cell.angle_alpha   77.440
_cell.angle_beta   77.340
_cell.angle_gamma   89.590
#
_symmetry.space_group_name_H-M   'P 1'
#
loop_
_entity.id
_entity.type
_entity.pdbx_description
1 polymer 'Fusion protein of PCF11 and MAGE-A11'
2 water water
#
_entity_poly.entity_id   1
_entity_poly.type   'polypeptide(L)'
_entity_poly.pdbx_seq_one_letter_code
;ITQDDFLVVVHQIRQLFQYQEGVREGGSGRPSQDILHDKIIDLVHLLLRKYRVKGLITKAEMLGSVIKNYEDYFPEIFRE
ASVCMQLLFGIDVKEVDPTSHSYVLVTSLNLSYDGIQCNEQSMPKSGLLIIVLGVIFMEGNCIPEEVMWEVLSIMGVYAG
REHFLFGEPKRLLTQNWVQEKYLVYRQVPGTDPACYEFLWGPRAHAETSKMKVLEYIANANGRDPTSYPSLYEDALREEG
EGV
;
_entity_poly.pdbx_strand_id   A,B,C,D
#
# COMPACT_ATOMS: atom_id res chain seq x y z
N ASP A 4 -34.01 -12.80 19.15
CA ASP A 4 -33.87 -11.45 19.76
C ASP A 4 -34.19 -10.38 18.70
N ASP A 5 -33.38 -9.32 18.64
CA ASP A 5 -33.63 -8.15 17.76
C ASP A 5 -32.34 -7.80 17.04
N PHE A 6 -32.42 -7.61 15.74
CA PHE A 6 -31.23 -7.30 14.90
C PHE A 6 -30.49 -6.11 15.49
N LEU A 7 -31.22 -5.06 15.87
CA LEU A 7 -30.58 -3.77 16.24
C LEU A 7 -30.01 -3.83 17.66
N VAL A 8 -30.60 -4.63 18.55
CA VAL A 8 -30.03 -4.91 19.88
C VAL A 8 -28.64 -5.54 19.68
N VAL A 9 -28.56 -6.52 18.80
CA VAL A 9 -27.31 -7.29 18.57
C VAL A 9 -26.28 -6.33 17.94
N VAL A 10 -26.70 -5.48 17.00
CA VAL A 10 -25.81 -4.39 16.45
C VAL A 10 -25.24 -3.59 17.60
N HIS A 11 -26.10 -3.17 18.53
CA HIS A 11 -25.66 -2.31 19.65
C HIS A 11 -24.63 -3.07 20.50
N GLN A 12 -24.86 -4.36 20.72
CA GLN A 12 -23.96 -5.22 21.51
C GLN A 12 -22.65 -5.47 20.75
N ILE A 13 -22.68 -5.53 19.42
CA ILE A 13 -21.46 -5.73 18.58
C ILE A 13 -20.54 -4.50 18.74
N ARG A 14 -21.13 -3.32 18.74
CA ARG A 14 -20.37 -2.07 18.96
C ARG A 14 -19.77 -2.05 20.36
N GLN A 15 -20.48 -2.54 21.37
CA GLN A 15 -19.96 -2.69 22.76
C GLN A 15 -18.77 -3.66 22.72
N LEU A 16 -18.97 -4.81 22.11
CA LEU A 16 -17.95 -5.88 22.02
C LEU A 16 -16.63 -5.27 21.54
N PHE A 17 -16.65 -4.49 20.48
CA PHE A 17 -15.43 -3.89 19.88
C PHE A 17 -14.79 -2.86 20.82
N GLN A 18 -15.52 -2.39 21.82
CA GLN A 18 -14.96 -1.47 22.82
C GLN A 18 -14.52 -2.26 24.07
N TYR A 19 -14.53 -3.60 24.03
CA TYR A 19 -14.31 -4.45 25.24
C TYR A 19 -12.98 -4.07 25.91
N GLN A 20 -12.00 -3.49 25.19
CA GLN A 20 -10.68 -3.14 25.78
C GLN A 20 -10.74 -1.78 26.49
N GLU A 21 -11.83 -1.02 26.37
CA GLU A 21 -11.95 0.33 26.99
C GLU A 21 -12.97 0.29 28.14
N ARG A 30 -29.07 1.89 24.12
CA ARG A 30 -29.72 0.61 23.72
C ARG A 30 -30.92 0.95 22.82
N PRO A 31 -31.16 0.16 21.73
CA PRO A 31 -32.26 0.43 20.81
C PRO A 31 -33.64 0.31 21.49
N SER A 32 -34.58 1.19 21.14
CA SER A 32 -35.96 1.21 21.70
C SER A 32 -36.96 0.94 20.57
N GLN A 33 -38.08 0.29 20.93
CA GLN A 33 -39.14 -0.14 19.99
C GLN A 33 -39.99 1.05 19.54
N ASP A 34 -39.87 1.45 18.27
CA ASP A 34 -40.73 2.50 17.66
C ASP A 34 -40.94 2.18 16.19
N ILE A 35 -41.61 3.09 15.46
CA ILE A 35 -41.95 2.92 14.02
C ILE A 35 -40.65 2.88 13.22
N LEU A 36 -39.67 3.72 13.57
CA LEU A 36 -38.37 3.81 12.82
C LEU A 36 -37.61 2.49 12.96
N HIS A 37 -37.59 1.93 14.17
CA HIS A 37 -37.00 0.59 14.46
C HIS A 37 -37.60 -0.46 13.52
N ASP A 38 -38.93 -0.56 13.48
CA ASP A 38 -39.64 -1.50 12.56
C ASP A 38 -39.28 -1.22 11.09
N LYS A 39 -39.19 0.04 10.67
CA LYS A 39 -38.88 0.34 9.25
C LYS A 39 -37.44 -0.13 8.94
N ILE A 40 -36.50 0.02 9.87
CA ILE A 40 -35.09 -0.44 9.72
C ILE A 40 -35.06 -1.97 9.60
N ILE A 41 -35.76 -2.70 10.48
CA ILE A 41 -35.83 -4.20 10.43
C ILE A 41 -36.43 -4.63 9.08
N ASP A 42 -37.56 -4.05 8.68
CA ASP A 42 -38.22 -4.40 7.39
C ASP A 42 -37.25 -4.17 6.25
N LEU A 43 -36.50 -3.06 6.26
CA LEU A 43 -35.55 -2.81 5.16
C LEU A 43 -34.40 -3.83 5.21
N VAL A 44 -33.91 -4.17 6.39
CA VAL A 44 -32.82 -5.18 6.54
C VAL A 44 -33.31 -6.49 5.89
N HIS A 45 -34.57 -6.87 6.12
CA HIS A 45 -35.18 -8.09 5.54
C HIS A 45 -35.21 -8.03 4.02
N LEU A 46 -35.65 -6.91 3.48
CA LEU A 46 -35.64 -6.65 2.02
C LEU A 46 -34.21 -6.71 1.49
N LEU A 47 -33.24 -6.13 2.19
CA LEU A 47 -31.83 -6.11 1.70
C LEU A 47 -31.27 -7.53 1.74
N LEU A 48 -31.66 -8.34 2.73
CA LEU A 48 -31.22 -9.75 2.83
C LEU A 48 -31.79 -10.54 1.64
N ARG A 49 -33.06 -10.30 1.28
CA ARG A 49 -33.68 -10.93 0.09
C ARG A 49 -32.88 -10.57 -1.16
N LYS A 50 -32.51 -9.31 -1.35
CA LYS A 50 -31.76 -8.95 -2.58
C LYS A 50 -30.36 -9.57 -2.57
N TYR A 51 -29.68 -9.58 -1.42
CA TYR A 51 -28.32 -10.18 -1.32
C TYR A 51 -28.33 -11.62 -1.82
N ARG A 52 -29.30 -12.40 -1.37
CA ARG A 52 -29.41 -13.84 -1.67
C ARG A 52 -29.50 -14.08 -3.19
N VAL A 53 -30.14 -13.19 -3.97
CA VAL A 53 -30.29 -13.39 -5.45
C VAL A 53 -29.40 -12.39 -6.21
N LYS A 54 -28.46 -11.73 -5.55
CA LYS A 54 -27.59 -10.67 -6.16
C LYS A 54 -28.49 -9.67 -6.90
N GLY A 55 -29.71 -9.50 -6.42
CA GLY A 55 -30.64 -8.51 -6.98
C GLY A 55 -30.13 -7.11 -6.71
N LEU A 56 -30.33 -6.21 -7.66
CA LEU A 56 -30.06 -4.77 -7.49
C LEU A 56 -31.26 -4.18 -6.75
N ILE A 57 -31.03 -3.17 -5.92
CA ILE A 57 -32.14 -2.44 -5.25
C ILE A 57 -31.96 -0.94 -5.44
N THR A 58 -33.08 -0.27 -5.69
CA THR A 58 -33.14 1.19 -5.88
C THR A 58 -33.80 1.84 -4.68
N LYS A 59 -33.48 3.10 -4.53
CA LYS A 59 -34.12 4.01 -3.57
C LYS A 59 -35.63 4.00 -3.81
N ALA A 60 -36.09 3.91 -5.07
CA ALA A 60 -37.54 3.91 -5.44
C ALA A 60 -38.15 2.59 -4.96
N GLU A 61 -37.45 1.48 -5.11
CA GLU A 61 -37.99 0.23 -4.54
C GLU A 61 -38.04 0.33 -3.01
N MET A 62 -37.07 0.98 -2.38
CA MET A 62 -37.03 0.98 -0.89
C MET A 62 -38.19 1.83 -0.39
N LEU A 63 -38.43 2.97 -1.03
CA LEU A 63 -39.60 3.81 -0.68
C LEU A 63 -40.88 2.97 -0.88
N GLY A 64 -41.07 2.39 -2.06
CA GLY A 64 -42.35 1.74 -2.42
C GLY A 64 -42.70 0.61 -1.47
N SER A 65 -41.75 -0.27 -1.16
CA SER A 65 -42.11 -1.53 -0.46
C SER A 65 -41.94 -1.40 1.06
N VAL A 66 -41.13 -0.46 1.58
CA VAL A 66 -40.80 -0.43 3.03
C VAL A 66 -41.03 0.94 3.66
N ILE A 67 -40.39 2.00 3.14
CA ILE A 67 -40.35 3.36 3.76
C ILE A 67 -41.74 4.03 3.71
N LYS A 68 -42.41 4.02 2.55
CA LYS A 68 -43.77 4.58 2.36
C LYS A 68 -43.86 6.00 2.95
N ASN A 69 -44.54 6.18 4.08
CA ASN A 69 -44.84 7.51 4.66
C ASN A 69 -43.69 8.04 5.54
N TYR A 70 -42.49 7.48 5.45
CA TYR A 70 -41.37 7.95 6.30
C TYR A 70 -40.22 8.35 5.39
N GLU A 71 -40.60 8.89 4.24
CA GLU A 71 -39.70 9.31 3.13
C GLU A 71 -38.70 10.32 3.67
N ASP A 72 -39.17 11.13 4.62
CA ASP A 72 -38.37 12.22 5.24
C ASP A 72 -37.36 11.66 6.25
N TYR A 73 -37.45 10.36 6.59
CA TYR A 73 -36.47 9.63 7.46
C TYR A 73 -35.64 8.63 6.65
N PHE A 74 -35.76 8.67 5.33
CA PHE A 74 -35.05 7.74 4.44
C PHE A 74 -33.55 7.74 4.77
N PRO A 75 -32.85 8.89 4.82
CA PRO A 75 -31.40 8.87 5.07
C PRO A 75 -31.08 8.07 6.34
N GLU A 76 -31.79 8.32 7.43
CA GLU A 76 -31.54 7.66 8.74
C GLU A 76 -31.83 6.15 8.62
N ILE A 77 -32.95 5.76 8.00
CA ILE A 77 -33.41 4.34 8.01
C ILE A 77 -32.42 3.51 7.18
N PHE A 78 -31.97 4.10 6.09
CA PHE A 78 -31.07 3.41 5.15
C PHE A 78 -29.69 3.25 5.81
N ARG A 79 -29.23 4.29 6.49
CA ARG A 79 -27.92 4.28 7.18
C ARG A 79 -27.95 3.18 8.25
N GLU A 80 -28.98 3.19 9.10
CA GLU A 80 -29.12 2.22 10.21
C GLU A 80 -29.27 0.81 9.64
N ALA A 81 -30.02 0.66 8.55
CA ALA A 81 -30.20 -0.67 7.94
C ALA A 81 -28.87 -1.13 7.33
N SER A 82 -28.09 -0.19 6.76
CA SER A 82 -26.81 -0.52 6.11
C SER A 82 -25.79 -0.93 7.18
N VAL A 83 -25.73 -0.20 8.30
CA VAL A 83 -24.89 -0.58 9.47
C VAL A 83 -25.28 -2.00 9.94
N CYS A 84 -26.57 -2.29 10.07
CA CYS A 84 -27.03 -3.63 10.50
C CYS A 84 -26.52 -4.72 9.52
N MET A 85 -26.64 -4.49 8.21
CA MET A 85 -26.26 -5.47 7.18
C MET A 85 -24.76 -5.77 7.30
N GLN A 86 -23.98 -4.74 7.60
CA GLN A 86 -22.51 -4.89 7.73
C GLN A 86 -22.17 -5.58 9.05
N LEU A 87 -22.45 -4.95 10.17
CA LEU A 87 -21.95 -5.47 11.47
C LEU A 87 -22.63 -6.78 11.82
N LEU A 88 -23.90 -6.96 11.49
CA LEU A 88 -24.60 -8.21 11.90
C LEU A 88 -24.37 -9.33 10.89
N PHE A 89 -24.40 -8.99 9.60
CA PHE A 89 -24.38 -9.97 8.49
C PHE A 89 -23.13 -9.86 7.60
N GLY A 90 -22.17 -8.99 7.86
CA GLY A 90 -21.01 -8.83 6.95
C GLY A 90 -21.42 -8.67 5.48
N ILE A 91 -22.47 -7.90 5.23
CA ILE A 91 -22.86 -7.45 3.87
C ILE A 91 -22.72 -5.92 3.79
N ASP A 92 -22.00 -5.45 2.78
CA ASP A 92 -21.84 -4.02 2.43
C ASP A 92 -22.85 -3.66 1.35
N VAL A 93 -23.40 -2.46 1.45
CA VAL A 93 -24.29 -1.87 0.43
C VAL A 93 -23.47 -0.91 -0.44
N LYS A 94 -23.38 -1.20 -1.73
CA LYS A 94 -22.52 -0.43 -2.66
C LYS A 94 -23.37 0.19 -3.76
N GLU A 95 -23.11 1.46 -4.02
CA GLU A 95 -23.82 2.25 -5.04
C GLU A 95 -23.20 1.88 -6.37
N VAL A 96 -24.02 1.42 -7.31
CA VAL A 96 -23.55 1.11 -8.67
C VAL A 96 -24.10 2.13 -9.67
N ASP A 97 -25.09 2.95 -9.31
CA ASP A 97 -25.59 4.00 -10.21
C ASP A 97 -26.12 5.19 -9.42
N PRO A 98 -25.38 6.33 -9.35
CA PRO A 98 -25.87 7.50 -8.61
C PRO A 98 -27.15 8.14 -9.16
N THR A 99 -27.44 7.93 -10.44
CA THR A 99 -28.58 8.61 -11.13
C THR A 99 -29.89 7.91 -10.75
N SER A 100 -29.94 6.58 -10.82
CA SER A 100 -31.14 5.79 -10.42
C SER A 100 -31.08 5.42 -8.93
N HIS A 101 -29.99 5.76 -8.24
CA HIS A 101 -29.76 5.39 -6.81
C HIS A 101 -29.88 3.88 -6.69
N SER A 102 -29.07 3.16 -7.47
CA SER A 102 -29.08 1.68 -7.55
C SER A 102 -27.94 1.14 -6.69
N TYR A 103 -28.21 0.13 -5.87
CA TYR A 103 -27.17 -0.45 -5.00
C TYR A 103 -27.15 -1.96 -5.14
N VAL A 104 -25.98 -2.58 -4.89
CA VAL A 104 -25.84 -4.06 -4.85
C VAL A 104 -25.36 -4.46 -3.46
N LEU A 105 -25.57 -5.72 -3.09
CA LEU A 105 -25.17 -6.24 -1.76
C LEU A 105 -24.02 -7.23 -1.97
N VAL A 106 -22.84 -6.91 -1.47
CA VAL A 106 -21.63 -7.78 -1.57
C VAL A 106 -21.07 -8.03 -0.18
N THR A 107 -20.32 -9.12 -0.02
CA THR A 107 -19.75 -9.54 1.28
C THR A 107 -18.71 -8.52 1.74
N SER A 108 -18.74 -8.15 3.02
CA SER A 108 -17.75 -7.21 3.58
C SER A 108 -16.33 -7.77 3.46
N LEU A 109 -15.37 -6.85 3.37
CA LEU A 109 -13.92 -7.11 3.16
C LEU A 109 -13.73 -8.09 2.01
N ASN A 110 -14.69 -8.16 1.11
CA ASN A 110 -14.55 -9.01 -0.10
C ASN A 110 -14.20 -10.43 0.33
N LEU A 111 -14.73 -10.98 1.42
CA LEU A 111 -14.54 -12.42 1.73
C LEU A 111 -15.34 -13.24 0.71
N SER A 112 -14.83 -14.40 0.32
CA SER A 112 -15.51 -15.35 -0.59
C SER A 112 -16.50 -16.23 0.18
N TYR A 113 -16.71 -16.03 1.47
CA TYR A 113 -17.65 -16.90 2.25
C TYR A 113 -18.77 -16.07 2.85
N ASP A 114 -19.98 -16.59 2.85
CA ASP A 114 -21.07 -16.07 3.68
C ASP A 114 -21.81 -17.17 4.46
N GLY A 115 -21.46 -18.43 4.30
CA GLY A 115 -22.08 -19.55 5.05
C GLY A 115 -23.55 -19.81 4.67
N ILE A 116 -24.09 -19.20 3.62
CA ILE A 116 -25.51 -19.45 3.26
C ILE A 116 -25.61 -20.80 2.55
N GLN A 117 -24.81 -20.98 1.49
CA GLN A 117 -24.73 -22.20 0.62
C GLN A 117 -26.12 -22.55 0.08
N CYS A 118 -26.70 -21.61 -0.69
CA CYS A 118 -27.97 -21.74 -1.45
C CYS A 118 -29.08 -22.31 -0.55
N ASN A 119 -29.13 -21.86 0.71
CA ASN A 119 -30.07 -22.36 1.76
C ASN A 119 -30.85 -21.17 2.35
N GLU A 120 -32.18 -21.14 2.12
CA GLU A 120 -33.05 -19.94 2.32
C GLU A 120 -33.56 -19.88 3.77
N GLN A 121 -33.20 -20.83 4.62
CA GLN A 121 -33.34 -20.70 6.10
C GLN A 121 -32.18 -19.82 6.59
N SER A 122 -30.96 -20.22 6.21
CA SER A 122 -29.66 -19.77 6.78
C SER A 122 -29.49 -18.25 6.68
N MET A 123 -29.00 -17.67 7.77
CA MET A 123 -28.64 -16.24 7.83
C MET A 123 -27.16 -16.12 7.50
N PRO A 124 -26.72 -15.03 6.85
CA PRO A 124 -25.30 -14.88 6.54
C PRO A 124 -24.48 -14.95 7.82
N LYS A 125 -23.28 -15.54 7.74
CA LYS A 125 -22.41 -15.73 8.92
C LYS A 125 -21.13 -14.89 8.77
N SER A 126 -20.95 -14.21 7.63
CA SER A 126 -19.76 -13.35 7.36
C SER A 126 -19.62 -12.26 8.43
N GLY A 127 -20.72 -11.71 8.95
CA GLY A 127 -20.67 -10.72 10.06
C GLY A 127 -19.91 -11.28 11.26
N LEU A 128 -20.26 -12.49 11.68
CA LEU A 128 -19.66 -13.10 12.90
C LEU A 128 -18.24 -13.57 12.57
N LEU A 129 -18.00 -14.02 11.35
CA LEU A 129 -16.62 -14.44 10.99
C LEU A 129 -15.72 -13.21 11.10
N ILE A 130 -16.16 -12.06 10.59
CA ILE A 130 -15.30 -10.83 10.65
C ILE A 130 -15.05 -10.46 12.11
N ILE A 131 -16.07 -10.58 12.96
CA ILE A 131 -15.93 -10.24 14.41
C ILE A 131 -14.90 -11.17 15.05
N VAL A 132 -14.97 -12.47 14.75
CA VAL A 132 -14.03 -13.48 15.32
C VAL A 132 -12.61 -13.12 14.87
N LEU A 133 -12.40 -12.97 13.57
CA LEU A 133 -11.07 -12.53 13.04
C LEU A 133 -10.64 -11.23 13.73
N GLY A 134 -11.57 -10.30 13.95
CA GLY A 134 -11.20 -9.04 14.63
C GLY A 134 -10.67 -9.30 16.04
N VAL A 135 -11.41 -10.10 16.80
CA VAL A 135 -11.11 -10.38 18.22
C VAL A 135 -9.74 -11.09 18.30
N ILE A 136 -9.46 -12.00 17.38
CA ILE A 136 -8.16 -12.69 17.43
C ILE A 136 -7.12 -11.59 17.23
N PHE A 137 -7.34 -10.76 16.22
CA PHE A 137 -6.40 -9.66 15.94
C PHE A 137 -6.23 -8.81 17.21
N MET A 138 -7.36 -8.34 17.75
CA MET A 138 -7.37 -7.43 18.92
C MET A 138 -6.54 -7.99 20.08
N GLU A 139 -6.50 -9.31 20.27
CA GLU A 139 -5.70 -9.96 21.35
C GLU A 139 -4.33 -10.39 20.85
N GLY A 140 -3.76 -9.76 19.82
CA GLY A 140 -2.33 -9.98 19.47
C GLY A 140 -2.10 -11.20 18.57
N ASN A 141 -3.13 -11.62 17.84
CA ASN A 141 -3.04 -12.61 16.73
C ASN A 141 -2.97 -14.04 17.28
N CYS A 142 -3.33 -14.24 18.53
CA CYS A 142 -3.43 -15.57 19.15
C CYS A 142 -4.20 -15.39 20.44
N ILE A 143 -5.31 -16.11 20.61
CA ILE A 143 -6.24 -15.82 21.74
C ILE A 143 -6.61 -17.14 22.42
N PRO A 144 -6.52 -17.24 23.76
CA PRO A 144 -7.04 -18.42 24.45
C PRO A 144 -8.52 -18.58 24.14
N GLU A 145 -8.98 -19.81 23.98
CA GLU A 145 -10.39 -20.12 23.66
C GLU A 145 -11.34 -19.42 24.66
N GLU A 146 -11.05 -19.55 25.95
CA GLU A 146 -11.91 -19.02 27.05
C GLU A 146 -12.01 -17.49 26.88
N VAL A 147 -10.97 -16.84 26.42
CA VAL A 147 -11.01 -15.35 26.29
C VAL A 147 -11.91 -15.00 25.09
N MET A 148 -11.79 -15.76 24.01
CA MET A 148 -12.71 -15.59 22.85
C MET A 148 -14.18 -15.71 23.30
N TRP A 149 -14.52 -16.73 24.10
CA TRP A 149 -15.92 -16.96 24.53
C TRP A 149 -16.38 -15.83 25.44
N GLU A 150 -15.48 -15.31 26.28
CA GLU A 150 -15.79 -14.17 27.17
C GLU A 150 -16.14 -12.95 26.32
N VAL A 151 -15.39 -12.67 25.25
CA VAL A 151 -15.62 -11.46 24.43
C VAL A 151 -16.93 -11.67 23.66
N LEU A 152 -17.18 -12.88 23.15
CA LEU A 152 -18.39 -13.11 22.31
C LEU A 152 -19.65 -13.09 23.19
N SER A 153 -19.51 -13.29 24.50
CA SER A 153 -20.66 -13.24 25.44
C SER A 153 -21.29 -11.83 25.41
N ILE A 154 -20.52 -10.79 25.09
CA ILE A 154 -20.98 -9.37 25.03
C ILE A 154 -22.06 -9.23 23.93
N MET A 155 -21.97 -9.97 22.82
CA MET A 155 -23.00 -9.90 21.74
C MET A 155 -23.98 -11.08 21.83
N GLY A 156 -24.04 -11.79 22.96
CA GLY A 156 -25.06 -12.84 23.15
C GLY A 156 -24.75 -14.11 22.37
N VAL A 157 -23.47 -14.39 22.11
CA VAL A 157 -23.02 -15.62 21.40
C VAL A 157 -22.29 -16.51 22.41
N TYR A 158 -22.77 -17.73 22.59
CA TYR A 158 -22.37 -18.62 23.70
C TYR A 158 -22.07 -20.00 23.16
N ALA A 159 -20.94 -20.56 23.52
CA ALA A 159 -20.62 -21.95 23.17
C ALA A 159 -21.69 -22.89 23.76
N GLY A 160 -22.19 -23.86 22.99
CA GLY A 160 -23.16 -24.87 23.47
C GLY A 160 -24.59 -24.37 23.47
N ARG A 161 -24.84 -23.22 22.86
CA ARG A 161 -26.20 -22.64 22.87
C ARG A 161 -26.52 -22.23 21.44
N GLU A 162 -27.66 -22.73 20.97
CA GLU A 162 -28.22 -22.41 19.64
C GLU A 162 -28.48 -20.91 19.61
N HIS A 163 -27.84 -20.23 18.68
CA HIS A 163 -28.03 -18.78 18.44
C HIS A 163 -29.05 -18.58 17.33
N PHE A 164 -29.94 -17.62 17.46
CA PHE A 164 -31.13 -17.46 16.60
C PHE A 164 -30.71 -17.10 15.17
N LEU A 165 -29.56 -16.47 14.98
CA LEU A 165 -29.04 -16.17 13.62
C LEU A 165 -27.96 -17.17 13.22
N PHE A 166 -27.02 -17.46 14.12
CA PHE A 166 -25.71 -18.04 13.73
C PHE A 166 -25.61 -19.53 14.06
N GLY A 167 -26.58 -20.12 14.78
CA GLY A 167 -26.54 -21.57 15.04
C GLY A 167 -25.59 -21.84 16.18
N GLU A 168 -25.05 -23.04 16.24
CA GLU A 168 -24.21 -23.41 17.38
C GLU A 168 -22.80 -22.86 17.14
N PRO A 169 -22.34 -21.89 17.97
CA PRO A 169 -21.08 -21.19 17.71
C PRO A 169 -19.85 -22.07 17.92
N LYS A 170 -19.95 -23.03 18.84
CA LYS A 170 -18.76 -23.88 19.17
C LYS A 170 -18.37 -24.66 17.91
N ARG A 171 -19.36 -25.27 17.26
CA ARG A 171 -19.14 -26.03 16.01
C ARG A 171 -18.74 -25.09 14.87
N LEU A 172 -19.43 -23.98 14.73
CA LEU A 172 -19.17 -22.92 13.71
C LEU A 172 -17.69 -22.52 13.80
N LEU A 173 -17.17 -22.22 15.00
CA LEU A 173 -15.79 -21.68 15.11
C LEU A 173 -14.74 -22.80 15.02
N THR A 174 -14.95 -23.92 15.74
CA THR A 174 -13.89 -24.93 15.91
C THR A 174 -13.92 -25.96 14.76
N GLN A 175 -14.96 -25.94 13.92
CA GLN A 175 -15.19 -27.00 12.90
C GLN A 175 -15.38 -26.30 11.56
N ASN A 176 -16.52 -25.64 11.37
CA ASN A 176 -16.88 -25.04 10.07
C ASN A 176 -15.73 -24.11 9.63
N TRP A 177 -15.33 -23.16 10.47
CA TRP A 177 -14.38 -22.11 10.02
C TRP A 177 -12.93 -22.64 10.01
N VAL A 178 -12.68 -23.78 10.65
CA VAL A 178 -11.39 -24.51 10.55
C VAL A 178 -11.36 -25.23 9.19
N GLN A 179 -12.42 -25.93 8.84
CA GLN A 179 -12.54 -26.61 7.51
C GLN A 179 -12.51 -25.58 6.38
N GLU A 180 -13.09 -24.39 6.58
CA GLU A 180 -13.07 -23.28 5.58
C GLU A 180 -11.69 -22.60 5.54
N LYS A 181 -10.81 -22.97 6.47
CA LYS A 181 -9.43 -22.45 6.60
C LYS A 181 -9.43 -20.96 6.98
N TYR A 182 -10.53 -20.47 7.53
CA TYR A 182 -10.51 -19.07 8.02
C TYR A 182 -9.80 -19.00 9.37
N LEU A 183 -9.89 -20.09 10.11
CA LEU A 183 -9.41 -20.14 11.49
C LEU A 183 -8.49 -21.32 11.67
N VAL A 184 -7.55 -21.15 12.58
CA VAL A 184 -6.81 -22.26 13.21
C VAL A 184 -7.31 -22.37 14.65
N TYR A 185 -7.59 -23.60 15.07
CA TYR A 185 -8.00 -23.93 16.45
C TYR A 185 -7.13 -25.11 16.90
N ARG A 186 -6.31 -24.90 17.91
CA ARG A 186 -5.26 -25.89 18.25
C ARG A 186 -4.98 -25.89 19.74
N GLN A 187 -4.42 -27.00 20.18
CA GLN A 187 -3.79 -27.14 21.53
C GLN A 187 -2.70 -26.07 21.71
N VAL A 188 -2.71 -25.39 22.85
CA VAL A 188 -1.71 -24.38 23.29
C VAL A 188 -0.42 -25.14 23.62
N PRO A 189 0.75 -24.77 23.04
CA PRO A 189 2.01 -25.43 23.38
C PRO A 189 2.38 -25.21 24.85
N GLY A 190 2.88 -26.25 25.50
CA GLY A 190 3.33 -26.18 26.89
C GLY A 190 2.20 -26.37 27.89
N THR A 191 0.98 -26.74 27.46
CA THR A 191 -0.18 -26.90 28.40
C THR A 191 -0.45 -28.38 28.59
N ASP A 192 -0.72 -28.80 29.83
CA ASP A 192 -1.03 -30.22 30.19
C ASP A 192 -1.70 -30.24 31.57
N PRO A 193 -3.02 -30.49 31.66
CA PRO A 193 -3.82 -30.96 30.53
C PRO A 193 -3.97 -29.78 29.56
N ALA A 194 -4.56 -30.06 28.42
CA ALA A 194 -4.47 -29.24 27.19
C ALA A 194 -5.48 -28.09 27.22
N CYS A 195 -5.01 -26.89 26.92
CA CYS A 195 -5.84 -25.70 26.59
C CYS A 195 -5.81 -25.46 25.09
N TYR A 196 -6.69 -24.57 24.64
CA TYR A 196 -7.00 -24.35 23.22
C TYR A 196 -6.92 -22.84 22.93
N GLU A 197 -6.46 -22.53 21.74
CA GLU A 197 -6.28 -21.14 21.26
C GLU A 197 -6.75 -21.05 19.81
N PHE A 198 -7.15 -19.85 19.40
CA PHE A 198 -7.52 -19.52 18.02
C PHE A 198 -6.44 -18.64 17.41
N LEU A 199 -6.13 -18.86 16.14
CA LEU A 199 -5.41 -17.89 15.29
C LEU A 199 -6.16 -17.76 13.96
N TRP A 200 -5.81 -16.73 13.23
CA TRP A 200 -6.18 -16.63 11.81
C TRP A 200 -5.67 -17.86 11.05
N GLY A 201 -6.51 -18.33 10.15
CA GLY A 201 -6.16 -19.36 9.19
C GLY A 201 -5.62 -18.76 7.92
N PRO A 202 -5.06 -19.61 7.04
CA PRO A 202 -4.46 -19.09 5.81
C PRO A 202 -5.49 -18.40 4.90
N ARG A 203 -6.77 -18.79 4.94
CA ARG A 203 -7.77 -18.10 4.06
C ARG A 203 -7.99 -16.68 4.58
N ALA A 204 -7.89 -16.49 5.89
CA ALA A 204 -8.02 -15.15 6.46
C ALA A 204 -6.89 -14.26 5.91
N HIS A 205 -5.65 -14.74 5.95
CA HIS A 205 -4.48 -13.95 5.45
C HIS A 205 -4.59 -13.69 3.96
N ALA A 206 -5.14 -14.64 3.19
CA ALA A 206 -5.25 -14.53 1.73
C ALA A 206 -6.37 -13.56 1.33
N GLU A 207 -7.41 -13.43 2.14
CA GLU A 207 -8.61 -12.64 1.74
C GLU A 207 -8.58 -11.24 2.36
N THR A 208 -7.84 -10.98 3.44
CA THR A 208 -7.88 -9.64 4.06
C THR A 208 -6.51 -9.34 4.68
N SER A 209 -6.44 -8.26 5.43
CA SER A 209 -5.24 -7.89 6.19
C SER A 209 -5.69 -7.40 7.57
N LYS A 210 -4.73 -7.36 8.48
CA LYS A 210 -4.95 -6.79 9.82
C LYS A 210 -5.46 -5.36 9.67
N MET A 211 -4.92 -4.60 8.73
CA MET A 211 -5.27 -3.16 8.65
C MET A 211 -6.71 -3.05 8.14
N LYS A 212 -7.13 -3.87 7.18
CA LYS A 212 -8.53 -3.81 6.70
C LYS A 212 -9.48 -4.20 7.84
N VAL A 213 -9.09 -5.17 8.69
CA VAL A 213 -9.94 -5.61 9.83
C VAL A 213 -9.94 -4.50 10.88
N LEU A 214 -8.79 -3.84 11.10
CA LEU A 214 -8.74 -2.72 12.08
C LEU A 214 -9.68 -1.59 11.64
N GLU A 215 -9.68 -1.26 10.35
CA GLU A 215 -10.58 -0.21 9.78
C GLU A 215 -12.06 -0.57 9.99
N TYR A 216 -12.42 -1.83 9.80
CA TYR A 216 -13.80 -2.33 10.02
C TYR A 216 -14.16 -2.15 11.50
N ILE A 217 -13.28 -2.61 12.37
CA ILE A 217 -13.46 -2.46 13.83
C ILE A 217 -13.65 -0.98 14.16
N ALA A 218 -12.66 -0.15 13.81
CA ALA A 218 -12.68 1.31 14.07
C ALA A 218 -14.00 1.90 13.58
N ASN A 219 -14.37 1.62 12.34
CA ASN A 219 -15.56 2.22 11.67
C ASN A 219 -16.83 1.82 12.44
N ALA A 220 -16.87 0.62 13.03
CA ALA A 220 -18.04 0.14 13.78
C ALA A 220 -18.47 1.19 14.80
N ASN A 221 -17.51 1.92 15.40
CA ASN A 221 -17.80 2.89 16.50
C ASN A 221 -17.43 4.33 16.06
N GLY A 222 -17.35 4.59 14.76
CA GLY A 222 -17.09 5.94 14.22
C GLY A 222 -15.68 6.41 14.54
N ARG A 223 -14.77 5.50 14.87
CA ARG A 223 -13.41 5.86 15.31
C ARG A 223 -12.44 5.69 14.15
N ASP A 224 -11.29 6.38 14.23
CA ASP A 224 -10.18 6.23 13.26
C ASP A 224 -9.31 5.07 13.70
N PRO A 225 -8.78 4.24 12.77
CA PRO A 225 -7.84 3.17 13.15
C PRO A 225 -6.65 3.58 14.03
N THR A 226 -6.18 4.82 13.85
CA THR A 226 -5.04 5.40 14.62
C THR A 226 -5.39 5.43 16.11
N SER A 227 -6.67 5.55 16.44
CA SER A 227 -7.13 5.58 17.85
C SER A 227 -6.97 4.20 18.52
N TYR A 228 -6.41 3.20 17.82
CA TYR A 228 -6.03 1.88 18.39
C TYR A 228 -4.52 1.70 18.25
N PRO A 229 -3.69 2.46 19.00
CA PRO A 229 -2.28 2.63 18.67
C PRO A 229 -1.50 1.32 18.56
N SER A 230 -1.75 0.40 19.50
CA SER A 230 -1.01 -0.88 19.51
C SER A 230 -1.47 -1.68 18.30
N LEU A 231 -2.76 -1.63 18.00
CA LEU A 231 -3.29 -2.50 16.92
C LEU A 231 -2.86 -1.92 15.59
N TYR A 232 -2.91 -0.59 15.48
CA TYR A 232 -2.42 0.15 14.31
C TYR A 232 -0.95 -0.19 14.02
N GLU A 233 -0.08 -0.09 15.03
CA GLU A 233 1.36 -0.46 14.86
C GLU A 233 1.44 -1.95 14.44
N ASP A 234 0.75 -2.87 15.13
CA ASP A 234 0.78 -4.31 14.75
C ASP A 234 0.35 -4.49 13.29
N ALA A 235 -0.68 -3.78 12.83
CA ALA A 235 -1.22 -3.93 11.46
C ALA A 235 -0.22 -3.46 10.40
N LEU A 236 0.72 -2.57 10.76
CA LEU A 236 1.74 -2.06 9.80
C LEU A 236 2.87 -3.06 9.65
N ARG A 237 3.08 -3.89 10.67
CA ARG A 237 4.14 -4.94 10.67
C ARG A 237 3.93 -5.90 9.49
N GLU A 238 2.69 -6.06 9.03
CA GLU A 238 2.37 -6.96 7.88
C GLU A 238 3.30 -6.64 6.70
N ASP B 4 19.25 -5.31 -19.32
CA ASP B 4 20.56 -5.54 -19.98
C ASP B 4 21.69 -5.50 -18.94
N ASP B 5 22.46 -4.41 -18.89
CA ASP B 5 23.68 -4.32 -18.06
C ASP B 5 23.77 -2.95 -17.38
N PHE B 6 24.07 -2.93 -16.09
CA PHE B 6 24.20 -1.71 -15.27
C PHE B 6 25.21 -0.72 -15.88
N LEU B 7 26.42 -1.16 -16.23
CA LEU B 7 27.49 -0.25 -16.75
C LEU B 7 27.16 0.27 -18.13
N VAL B 8 26.51 -0.51 -19.00
CA VAL B 8 26.08 -0.02 -20.34
C VAL B 8 25.11 1.16 -20.12
N VAL B 9 24.11 0.99 -19.24
CA VAL B 9 23.09 2.04 -19.01
C VAL B 9 23.78 3.30 -18.46
N VAL B 10 24.74 3.16 -17.54
CA VAL B 10 25.51 4.30 -16.97
C VAL B 10 26.19 5.06 -18.12
N HIS B 11 26.74 4.32 -19.08
CA HIS B 11 27.46 4.92 -20.23
C HIS B 11 26.42 5.68 -21.08
N GLN B 12 25.27 5.08 -21.29
CA GLN B 12 24.17 5.71 -22.05
C GLN B 12 23.62 6.92 -21.28
N ILE B 13 23.59 6.90 -19.94
CA ILE B 13 23.16 8.09 -19.15
C ILE B 13 24.19 9.22 -19.38
N ARG B 14 25.48 8.92 -19.30
CA ARG B 14 26.51 9.95 -19.59
C ARG B 14 26.32 10.52 -20.99
N GLN B 15 25.92 9.67 -21.95
CA GLN B 15 25.66 10.10 -23.36
C GLN B 15 24.41 11.01 -23.37
N LEU B 16 23.37 10.62 -22.63
CA LEU B 16 22.10 11.37 -22.57
C LEU B 16 22.38 12.81 -22.14
N PHE B 17 23.16 13.02 -21.08
CA PHE B 17 23.47 14.38 -20.57
C PHE B 17 24.31 15.14 -21.60
N GLN B 18 24.83 14.47 -22.62
CA GLN B 18 25.63 15.18 -23.67
C GLN B 18 24.76 15.41 -24.90
N TYR B 19 23.42 15.27 -24.80
CA TYR B 19 22.56 15.17 -26.00
C TYR B 19 22.51 16.52 -26.74
N GLN B 20 22.80 17.64 -26.06
CA GLN B 20 22.83 19.00 -26.67
C GLN B 20 24.17 19.21 -27.42
N GLU B 21 25.14 18.31 -27.23
CA GLU B 21 26.49 18.37 -27.83
C GLU B 21 26.54 17.41 -29.03
N PRO B 31 30.93 -0.20 -22.39
CA PRO B 31 31.78 -1.12 -21.59
C PRO B 31 31.83 -2.55 -22.18
N SER B 32 32.82 -3.34 -21.73
CA SER B 32 33.09 -4.74 -22.20
C SER B 32 33.07 -5.72 -21.01
N GLN B 33 32.84 -7.01 -21.32
CA GLN B 33 32.72 -8.15 -20.36
C GLN B 33 34.10 -8.65 -19.95
N ASP B 34 34.53 -8.32 -18.73
CA ASP B 34 35.77 -8.84 -18.10
C ASP B 34 35.52 -8.98 -16.60
N ILE B 35 36.51 -9.50 -15.87
CA ILE B 35 36.36 -9.80 -14.42
C ILE B 35 36.14 -8.49 -13.67
N LEU B 36 36.80 -7.40 -14.04
CA LEU B 36 36.64 -6.13 -13.27
C LEU B 36 35.19 -5.64 -13.40
N HIS B 37 34.60 -5.76 -14.59
CA HIS B 37 33.16 -5.48 -14.85
C HIS B 37 32.31 -6.30 -13.89
N ASP B 38 32.57 -7.61 -13.76
CA ASP B 38 31.79 -8.50 -12.85
C ASP B 38 31.94 -8.03 -11.39
N LYS B 39 33.14 -7.63 -10.98
CA LYS B 39 33.36 -7.18 -9.58
C LYS B 39 32.57 -5.89 -9.34
N ILE B 40 32.58 -4.96 -10.30
CA ILE B 40 31.82 -3.69 -10.15
C ILE B 40 30.33 -4.01 -9.97
N ILE B 41 29.76 -4.86 -10.82
CA ILE B 41 28.31 -5.24 -10.73
C ILE B 41 28.06 -5.87 -9.35
N ASP B 42 28.88 -6.85 -8.95
CA ASP B 42 28.73 -7.57 -7.66
C ASP B 42 28.80 -6.55 -6.53
N LEU B 43 29.63 -5.52 -6.64
CA LEU B 43 29.72 -4.49 -5.56
C LEU B 43 28.47 -3.60 -5.61
N VAL B 44 27.95 -3.31 -6.79
CA VAL B 44 26.70 -2.49 -6.90
C VAL B 44 25.59 -3.29 -6.19
N HIS B 45 25.50 -4.60 -6.44
CA HIS B 45 24.48 -5.47 -5.79
C HIS B 45 24.61 -5.41 -4.26
N LEU B 46 25.84 -5.49 -3.74
CA LEU B 46 26.11 -5.39 -2.29
C LEU B 46 25.70 -4.01 -1.75
N LEU B 47 26.04 -2.93 -2.48
CA LEU B 47 25.70 -1.56 -2.01
C LEU B 47 24.16 -1.39 -2.05
N LEU B 48 23.47 -1.92 -3.05
CA LEU B 48 21.97 -1.87 -3.08
C LEU B 48 21.40 -2.54 -1.82
N ARG B 49 21.91 -3.73 -1.45
CA ARG B 49 21.42 -4.45 -0.24
C ARG B 49 21.63 -3.55 1.00
N LYS B 50 22.80 -2.95 1.14
CA LYS B 50 23.10 -2.09 2.31
C LYS B 50 22.14 -0.90 2.34
N TYR B 51 21.95 -0.24 1.19
CA TYR B 51 21.01 0.90 1.09
C TYR B 51 19.63 0.49 1.59
N ARG B 52 19.13 -0.67 1.22
CA ARG B 52 17.77 -1.09 1.60
C ARG B 52 17.60 -1.09 3.12
N VAL B 53 18.66 -1.35 3.90
CA VAL B 53 18.54 -1.55 5.39
C VAL B 53 19.30 -0.45 6.14
N LYS B 54 19.63 0.63 5.45
CA LYS B 54 20.41 1.78 6.01
C LYS B 54 21.64 1.22 6.73
N GLY B 55 22.13 0.07 6.30
CA GLY B 55 23.32 -0.57 6.87
C GLY B 55 24.59 0.17 6.47
N LEU B 56 25.56 0.22 7.36
CA LEU B 56 26.88 0.81 7.05
C LEU B 56 27.69 -0.24 6.28
N ILE B 57 28.58 0.21 5.39
CA ILE B 57 29.48 -0.71 4.64
C ILE B 57 30.91 -0.26 4.87
N THR B 58 31.81 -1.19 5.12
CA THR B 58 33.25 -0.88 5.33
C THR B 58 34.05 -1.39 4.13
N LYS B 59 35.16 -0.70 3.87
CA LYS B 59 36.23 -1.15 2.96
C LYS B 59 36.59 -2.61 3.23
N ALA B 60 36.70 -3.02 4.50
CA ALA B 60 37.09 -4.40 4.90
C ALA B 60 35.99 -5.38 4.45
N GLU B 61 34.71 -5.05 4.64
CA GLU B 61 33.62 -5.93 4.18
C GLU B 61 33.65 -6.02 2.65
N MET B 62 34.05 -4.96 1.95
CA MET B 62 34.02 -4.93 0.46
C MET B 62 35.13 -5.86 -0.05
N LEU B 63 36.31 -5.82 0.58
CA LEU B 63 37.45 -6.72 0.28
C LEU B 63 37.02 -8.15 0.60
N GLY B 64 36.63 -8.41 1.84
CA GLY B 64 36.24 -9.77 2.29
C GLY B 64 35.22 -10.45 1.39
N SER B 65 34.20 -9.75 0.88
CA SER B 65 33.07 -10.47 0.23
C SER B 65 32.95 -10.21 -1.27
N VAL B 66 33.63 -9.19 -1.82
CA VAL B 66 33.47 -8.88 -3.27
C VAL B 66 34.83 -8.74 -3.94
N ILE B 67 35.66 -7.81 -3.51
CA ILE B 67 36.95 -7.47 -4.17
C ILE B 67 37.91 -8.68 -4.07
N LYS B 68 37.91 -9.41 -2.95
CA LYS B 68 38.73 -10.64 -2.76
C LYS B 68 40.12 -10.42 -3.39
N ASN B 69 40.48 -11.18 -4.42
CA ASN B 69 41.84 -11.10 -5.04
C ASN B 69 42.10 -9.86 -5.87
N TYR B 70 41.18 -8.89 -5.98
CA TYR B 70 41.47 -7.68 -6.82
C TYR B 70 41.63 -6.44 -5.94
N GLU B 71 42.21 -6.64 -4.76
CA GLU B 71 42.43 -5.58 -3.74
C GLU B 71 43.21 -4.42 -4.39
N ASP B 72 44.07 -4.73 -5.35
CA ASP B 72 44.90 -3.72 -6.08
C ASP B 72 44.03 -2.86 -7.02
N TYR B 73 42.85 -3.31 -7.41
CA TYR B 73 41.90 -2.55 -8.27
C TYR B 73 40.78 -1.97 -7.40
N PHE B 74 40.91 -2.02 -6.09
CA PHE B 74 39.85 -1.53 -5.18
C PHE B 74 39.49 -0.10 -5.55
N PRO B 75 40.44 0.86 -5.67
CA PRO B 75 40.07 2.24 -5.94
C PRO B 75 39.17 2.33 -7.19
N GLU B 76 39.58 1.67 -8.28
CA GLU B 76 38.84 1.64 -9.55
C GLU B 76 37.47 0.98 -9.37
N ILE B 77 37.39 -0.16 -8.68
CA ILE B 77 36.10 -0.93 -8.61
C ILE B 77 35.09 -0.11 -7.81
N PHE B 78 35.53 0.44 -6.68
CA PHE B 78 34.69 1.25 -5.78
C PHE B 78 34.24 2.55 -6.48
N ARG B 79 35.16 3.21 -7.18
CA ARG B 79 34.82 4.46 -7.89
C ARG B 79 33.71 4.15 -8.90
N GLU B 80 33.87 3.07 -9.65
CA GLU B 80 32.95 2.71 -10.76
C GLU B 80 31.61 2.21 -10.16
N ALA B 81 31.64 1.47 -9.05
CA ALA B 81 30.38 0.96 -8.41
C ALA B 81 29.57 2.17 -7.93
N SER B 82 30.30 3.16 -7.42
CA SER B 82 29.76 4.39 -6.80
C SER B 82 29.16 5.29 -7.88
N VAL B 83 29.82 5.45 -9.01
CA VAL B 83 29.24 6.21 -10.16
C VAL B 83 27.93 5.53 -10.58
N CYS B 84 27.95 4.20 -10.67
CA CYS B 84 26.75 3.42 -11.03
C CYS B 84 25.62 3.63 -9.99
N MET B 85 25.91 3.54 -8.70
CA MET B 85 24.88 3.76 -7.65
C MET B 85 24.25 5.15 -7.82
N GLN B 86 25.06 6.18 -8.09
CA GLN B 86 24.53 7.56 -8.26
C GLN B 86 23.75 7.63 -9.57
N LEU B 87 24.39 7.40 -10.70
CA LEU B 87 23.77 7.78 -11.98
C LEU B 87 22.63 6.80 -12.28
N LEU B 88 22.82 5.51 -12.00
CA LEU B 88 21.73 4.58 -12.34
C LEU B 88 20.61 4.65 -11.29
N PHE B 89 20.93 4.71 -10.00
CA PHE B 89 19.94 4.49 -8.91
C PHE B 89 19.78 5.69 -7.96
N GLY B 90 20.45 6.82 -8.22
CA GLY B 90 20.32 8.04 -7.43
C GLY B 90 20.65 7.82 -5.96
N ILE B 91 21.71 7.08 -5.69
CA ILE B 91 22.23 6.81 -4.33
C ILE B 91 23.68 7.27 -4.25
N ASP B 92 23.97 8.09 -3.24
CA ASP B 92 25.33 8.61 -2.94
C ASP B 92 25.95 7.72 -1.87
N VAL B 93 27.23 7.42 -2.08
CA VAL B 93 28.11 6.75 -1.08
C VAL B 93 28.82 7.85 -0.30
N LYS B 94 28.56 7.93 1.00
CA LYS B 94 29.14 8.99 1.85
C LYS B 94 30.01 8.36 2.93
N GLU B 95 31.20 8.92 3.10
CA GLU B 95 32.15 8.46 4.13
C GLU B 95 31.65 8.95 5.48
N VAL B 96 31.40 8.04 6.40
CA VAL B 96 31.02 8.42 7.79
C VAL B 96 32.20 8.25 8.77
N ASP B 97 33.29 7.57 8.40
CA ASP B 97 34.41 7.30 9.34
C ASP B 97 35.69 7.08 8.55
N PRO B 98 36.59 8.09 8.39
CA PRO B 98 37.81 7.92 7.60
C PRO B 98 38.77 6.82 8.10
N THR B 99 38.74 6.46 9.38
CA THR B 99 39.76 5.56 9.99
C THR B 99 39.41 4.09 9.71
N SER B 100 38.15 3.71 9.98
CA SER B 100 37.62 2.34 9.72
C SER B 100 37.06 2.26 8.30
N HIS B 101 37.17 3.34 7.52
CA HIS B 101 36.69 3.44 6.12
C HIS B 101 35.23 2.99 6.03
N SER B 102 34.37 3.51 6.90
CA SER B 102 32.93 3.19 6.96
C SER B 102 32.16 4.19 6.09
N TYR B 103 31.22 3.68 5.31
CA TYR B 103 30.37 4.49 4.40
C TYR B 103 28.89 4.20 4.62
N VAL B 104 28.04 5.17 4.32
CA VAL B 104 26.55 4.96 4.31
C VAL B 104 26.02 5.30 2.92
N LEU B 105 24.85 4.76 2.57
CA LEU B 105 24.18 4.99 1.26
C LEU B 105 22.95 5.86 1.47
N VAL B 106 22.92 7.03 0.85
CA VAL B 106 21.75 7.95 0.95
C VAL B 106 21.33 8.39 -0.45
N THR B 107 20.07 8.79 -0.55
CA THR B 107 19.49 9.30 -1.80
C THR B 107 20.28 10.52 -2.26
N SER B 108 20.57 10.60 -3.56
CA SER B 108 21.22 11.79 -4.18
C SER B 108 20.34 13.02 -4.02
N LEU B 109 20.99 14.17 -3.92
CA LEU B 109 20.35 15.51 -3.85
C LEU B 109 19.38 15.58 -2.68
N ASN B 110 19.52 14.67 -1.73
CA ASN B 110 18.67 14.64 -0.52
C ASN B 110 17.20 14.55 -0.91
N LEU B 111 16.81 13.87 -1.98
CA LEU B 111 15.37 13.66 -2.25
C LEU B 111 14.81 12.67 -1.24
N SER B 112 13.55 12.87 -0.84
CA SER B 112 12.85 12.03 0.18
C SER B 112 12.23 10.78 -0.46
N TYR B 113 12.49 10.54 -1.75
CA TYR B 113 11.82 9.47 -2.54
C TYR B 113 12.86 8.58 -3.20
N ASP B 114 12.62 7.27 -3.15
CA ASP B 114 13.45 6.30 -3.92
C ASP B 114 12.56 5.31 -4.68
N GLY B 115 11.26 5.35 -4.44
CA GLY B 115 10.30 4.48 -5.15
C GLY B 115 10.34 3.04 -4.67
N ILE B 116 11.20 2.68 -3.70
CA ILE B 116 11.31 1.25 -3.27
C ILE B 116 10.06 0.87 -2.47
N GLN B 117 9.64 1.72 -1.53
CA GLN B 117 8.42 1.50 -0.69
C GLN B 117 8.49 0.12 -0.03
N GLU B 120 11.32 -5.78 -1.98
CA GLU B 120 12.69 -6.31 -2.23
C GLU B 120 12.91 -6.54 -3.74
N GLN B 121 11.84 -6.66 -4.54
CA GLN B 121 11.90 -6.70 -6.02
C GLN B 121 12.35 -5.33 -6.55
N SER B 122 11.49 -4.34 -6.38
CA SER B 122 11.60 -2.92 -6.86
C SER B 122 13.04 -2.38 -6.74
N MET B 123 13.57 -1.79 -7.82
CA MET B 123 14.91 -1.16 -7.83
C MET B 123 14.77 0.35 -7.60
N PRO B 124 15.72 1.05 -6.95
CA PRO B 124 15.56 2.47 -6.71
C PRO B 124 15.27 3.26 -8.01
N LYS B 125 14.36 4.23 -7.94
CA LYS B 125 13.91 4.99 -9.13
C LYS B 125 14.39 6.43 -9.08
N SER B 126 15.06 6.81 -7.98
CA SER B 126 15.62 8.16 -7.71
C SER B 126 16.59 8.61 -8.83
N GLY B 127 17.34 7.69 -9.44
CA GLY B 127 18.31 8.02 -10.49
C GLY B 127 17.60 8.47 -11.74
N LEU B 128 16.54 7.75 -12.14
CA LEU B 128 15.77 8.16 -13.33
C LEU B 128 15.02 9.45 -13.01
N LEU B 129 14.54 9.59 -11.79
CA LEU B 129 13.84 10.84 -11.43
C LEU B 129 14.81 12.02 -11.59
N ILE B 130 16.06 11.87 -11.14
CA ILE B 130 17.01 13.02 -11.20
C ILE B 130 17.26 13.32 -12.67
N ILE B 131 17.37 12.30 -13.51
CA ILE B 131 17.68 12.49 -14.96
C ILE B 131 16.52 13.25 -15.60
N VAL B 132 15.29 12.96 -15.17
CA VAL B 132 14.08 13.49 -15.82
C VAL B 132 13.92 14.95 -15.44
N LEU B 133 14.09 15.27 -14.15
CA LEU B 133 14.18 16.68 -13.67
C LEU B 133 15.32 17.41 -14.39
N GLY B 134 16.47 16.77 -14.59
CA GLY B 134 17.59 17.41 -15.31
C GLY B 134 17.20 17.73 -16.74
N VAL B 135 16.59 16.78 -17.44
CA VAL B 135 16.20 16.96 -18.86
C VAL B 135 15.21 18.11 -18.97
N ILE B 136 14.24 18.18 -18.08
CA ILE B 136 13.25 19.29 -18.15
C ILE B 136 14.04 20.59 -18.00
N PHE B 137 14.94 20.64 -17.04
CA PHE B 137 15.73 21.86 -16.73
C PHE B 137 16.58 22.19 -17.97
N MET B 138 17.23 21.18 -18.54
CA MET B 138 18.10 21.33 -19.73
C MET B 138 17.31 21.88 -20.91
N GLU B 139 16.00 21.66 -20.96
CA GLU B 139 15.17 22.18 -22.08
C GLU B 139 14.48 23.50 -21.71
N GLY B 140 14.90 24.22 -20.67
CA GLY B 140 14.32 25.54 -20.34
C GLY B 140 13.11 25.45 -19.42
N ASN B 141 13.00 24.36 -18.63
CA ASN B 141 12.07 24.24 -17.48
C ASN B 141 10.66 23.88 -17.94
N CYS B 142 10.51 23.58 -19.20
CA CYS B 142 9.23 23.14 -19.79
C CYS B 142 9.57 22.42 -21.08
N ILE B 143 9.18 21.17 -21.20
CA ILE B 143 9.63 20.29 -22.31
C ILE B 143 8.39 19.62 -22.90
N PRO B 144 8.26 19.62 -24.24
CA PRO B 144 7.24 18.79 -24.90
C PRO B 144 7.44 17.29 -24.59
N GLU B 145 6.35 16.57 -24.31
CA GLU B 145 6.41 15.11 -24.06
C GLU B 145 7.32 14.38 -25.07
N GLU B 146 7.11 14.59 -26.38
CA GLU B 146 7.88 13.97 -27.50
C GLU B 146 9.40 14.15 -27.34
N VAL B 147 9.85 15.28 -26.83
CA VAL B 147 11.30 15.57 -26.74
C VAL B 147 11.87 14.79 -25.55
N MET B 148 11.11 14.72 -24.47
CA MET B 148 11.47 13.93 -23.27
C MET B 148 11.72 12.47 -23.68
N TRP B 149 10.83 11.89 -24.49
CA TRP B 149 10.92 10.46 -24.90
C TRP B 149 12.08 10.30 -25.89
N GLU B 150 12.25 11.27 -26.80
CA GLU B 150 13.43 11.32 -27.68
C GLU B 150 14.69 11.26 -26.82
N VAL B 151 14.76 12.10 -25.79
CA VAL B 151 15.99 12.19 -24.97
C VAL B 151 16.12 10.90 -24.16
N LEU B 152 15.02 10.37 -23.60
CA LEU B 152 15.14 9.15 -22.73
C LEU B 152 15.47 7.90 -23.55
N SER B 153 15.11 7.90 -24.83
CA SER B 153 15.47 6.77 -25.73
C SER B 153 17.00 6.54 -25.75
N ILE B 154 17.81 7.56 -25.46
CA ILE B 154 19.30 7.46 -25.48
C ILE B 154 19.74 6.49 -24.36
N MET B 155 18.99 6.42 -23.27
CA MET B 155 19.40 5.48 -22.19
C MET B 155 18.53 4.24 -22.25
N GLY B 156 17.82 3.99 -23.34
CA GLY B 156 17.01 2.76 -23.51
C GLY B 156 15.75 2.79 -22.65
N VAL B 157 15.25 3.97 -22.32
CA VAL B 157 13.94 4.06 -21.61
C VAL B 157 12.91 4.48 -22.65
N TYR B 158 11.88 3.67 -22.85
CA TYR B 158 10.89 3.88 -23.92
C TYR B 158 9.48 3.89 -23.35
N ALA B 159 8.69 4.86 -23.80
CA ALA B 159 7.25 4.92 -23.47
C ALA B 159 6.60 3.65 -24.02
N GLY B 160 5.87 2.90 -23.20
CA GLY B 160 5.08 1.77 -23.69
C GLY B 160 5.85 0.47 -23.61
N ARG B 161 7.07 0.50 -23.08
CA ARG B 161 7.87 -0.74 -22.92
C ARG B 161 8.34 -0.86 -21.47
N GLU B 162 8.16 -2.05 -20.93
CA GLU B 162 8.60 -2.43 -19.58
C GLU B 162 10.12 -2.38 -19.58
N HIS B 163 10.67 -1.51 -18.76
CA HIS B 163 12.12 -1.37 -18.52
C HIS B 163 12.52 -2.29 -17.37
N PHE B 164 13.71 -2.89 -17.45
CA PHE B 164 14.15 -4.00 -16.60
C PHE B 164 14.46 -3.49 -15.19
N LEU B 165 14.77 -2.21 -15.03
CA LEU B 165 15.02 -1.60 -13.69
C LEU B 165 13.79 -0.81 -13.24
N PHE B 166 13.25 0.00 -14.14
CA PHE B 166 12.34 1.12 -13.83
C PHE B 166 10.89 0.78 -14.15
N GLY B 167 10.58 -0.34 -14.80
CA GLY B 167 9.17 -0.63 -15.15
C GLY B 167 8.69 0.25 -16.29
N GLU B 168 7.39 0.48 -16.36
CA GLU B 168 6.79 1.17 -17.52
C GLU B 168 6.96 2.68 -17.33
N PRO B 169 7.82 3.36 -18.11
CA PRO B 169 8.16 4.75 -17.84
C PRO B 169 7.00 5.72 -18.05
N LYS B 170 6.10 5.48 -19.00
CA LYS B 170 5.00 6.45 -19.26
C LYS B 170 4.15 6.61 -18.00
N ARG B 171 3.75 5.49 -17.41
CA ARG B 171 3.01 5.47 -16.13
C ARG B 171 3.84 6.09 -14.98
N LEU B 172 5.14 5.80 -14.96
CA LEU B 172 6.06 6.30 -13.90
C LEU B 172 6.13 7.83 -13.98
N LEU B 173 6.35 8.40 -15.17
CA LEU B 173 6.48 9.87 -15.33
C LEU B 173 5.10 10.54 -15.22
N THR B 174 4.05 10.01 -15.87
CA THR B 174 2.78 10.77 -16.03
C THR B 174 1.79 10.51 -14.89
N GLN B 175 2.01 9.45 -14.10
CA GLN B 175 1.11 9.12 -12.96
C GLN B 175 1.91 9.18 -11.66
N ASN B 176 2.85 8.24 -11.43
CA ASN B 176 3.52 8.10 -10.11
C ASN B 176 4.14 9.44 -9.71
N TRP B 177 4.93 10.02 -10.59
CA TRP B 177 5.77 11.19 -10.21
C TRP B 177 4.94 12.46 -10.21
N VAL B 178 3.78 12.42 -10.85
CA VAL B 178 2.77 13.51 -10.73
C VAL B 178 2.08 13.42 -9.35
N GLN B 179 1.68 12.24 -8.90
CA GLN B 179 1.07 12.01 -7.55
C GLN B 179 2.08 12.28 -6.43
N GLU B 180 3.36 11.95 -6.66
CA GLU B 180 4.45 12.29 -5.71
C GLU B 180 4.78 13.79 -5.74
N LYS B 181 4.24 14.55 -6.71
CA LYS B 181 4.36 16.03 -6.83
C LYS B 181 5.77 16.42 -7.29
N TYR B 182 6.55 15.49 -7.81
CA TYR B 182 7.89 15.80 -8.38
C TYR B 182 7.76 16.41 -9.78
N LEU B 183 6.70 16.00 -10.50
CA LEU B 183 6.44 16.44 -11.91
C LEU B 183 5.05 17.06 -12.03
N VAL B 184 4.96 18.02 -12.95
CA VAL B 184 3.70 18.45 -13.61
C VAL B 184 3.68 17.88 -15.03
N TYR B 185 2.56 17.29 -15.40
CA TYR B 185 2.29 16.75 -16.76
C TYR B 185 0.95 17.31 -17.24
N ARG B 186 1.00 18.18 -18.24
CA ARG B 186 -0.17 19.01 -18.59
C ARG B 186 -0.25 19.16 -20.10
N GLN B 187 -1.47 19.36 -20.55
CA GLN B 187 -1.79 19.76 -21.93
C GLN B 187 -1.16 21.13 -22.21
N VAL B 188 -0.55 21.27 -23.39
CA VAL B 188 0.18 22.50 -23.81
C VAL B 188 -0.84 23.59 -24.13
N PRO B 189 -0.71 24.80 -23.52
CA PRO B 189 -1.56 25.94 -23.85
C PRO B 189 -1.50 26.30 -25.34
N GLY B 190 -2.68 26.41 -25.94
CA GLY B 190 -2.83 26.95 -27.30
C GLY B 190 -2.68 25.87 -28.34
N THR B 191 -2.99 24.61 -28.00
CA THR B 191 -2.82 23.47 -28.93
C THR B 191 -4.12 22.67 -29.03
N ASP B 192 -4.51 22.39 -30.28
CA ASP B 192 -5.70 21.61 -30.70
C ASP B 192 -5.32 20.81 -31.94
N PRO B 193 -5.47 19.45 -31.93
CA PRO B 193 -5.72 18.70 -30.70
C PRO B 193 -4.57 18.83 -29.69
N ALA B 194 -4.85 18.34 -28.48
CA ALA B 194 -4.01 18.46 -27.28
C ALA B 194 -2.64 17.80 -27.50
N CYS B 195 -1.60 18.58 -27.25
CA CYS B 195 -0.23 18.13 -26.93
C CYS B 195 0.00 18.17 -25.42
N TYR B 196 1.12 17.62 -24.99
CA TYR B 196 1.48 17.50 -23.57
C TYR B 196 2.95 17.88 -23.35
N GLU B 197 3.16 18.55 -22.22
CA GLU B 197 4.48 19.00 -21.75
C GLU B 197 4.68 18.55 -20.30
N PHE B 198 5.95 18.46 -19.91
CA PHE B 198 6.41 18.22 -18.53
C PHE B 198 7.03 19.51 -17.99
N LEU B 199 6.81 19.74 -16.70
CA LEU B 199 7.54 20.74 -15.88
C LEU B 199 7.87 20.11 -14.54
N TRP B 200 8.74 20.80 -13.80
CA TRP B 200 9.03 20.45 -12.40
C TRP B 200 7.78 20.66 -11.58
N GLY B 201 7.56 19.77 -10.63
CA GLY B 201 6.45 19.90 -9.69
C GLY B 201 6.94 20.61 -8.43
N PRO B 202 5.99 20.95 -7.53
CA PRO B 202 6.34 21.68 -6.32
C PRO B 202 7.33 20.90 -5.44
N ARG B 203 7.31 19.56 -5.43
CA ARG B 203 8.23 18.79 -4.54
C ARG B 203 9.65 18.89 -5.10
N ALA B 204 9.79 18.94 -6.41
CA ALA B 204 11.13 19.14 -7.03
C ALA B 204 11.71 20.47 -6.52
N HIS B 205 10.94 21.54 -6.53
CA HIS B 205 11.42 22.88 -6.09
C HIS B 205 11.68 22.89 -4.59
N ALA B 206 10.90 22.13 -3.82
CA ALA B 206 11.02 22.10 -2.35
C ALA B 206 12.32 21.38 -2.00
N GLU B 207 12.71 20.36 -2.77
CA GLU B 207 13.78 19.43 -2.33
C GLU B 207 15.12 19.73 -3.01
N THR B 208 15.13 20.51 -4.10
CA THR B 208 16.41 20.79 -4.79
C THR B 208 16.31 22.13 -5.50
N SER B 209 17.28 22.38 -6.37
CA SER B 209 17.35 23.63 -7.16
C SER B 209 17.96 23.35 -8.52
N LYS B 210 17.76 24.30 -9.42
CA LYS B 210 18.37 24.21 -10.76
C LYS B 210 19.89 24.04 -10.61
N MET B 211 20.50 24.69 -9.63
CA MET B 211 21.98 24.72 -9.60
C MET B 211 22.47 23.38 -9.05
N LYS B 212 21.80 22.77 -8.08
CA LYS B 212 22.21 21.44 -7.55
C LYS B 212 22.05 20.41 -8.68
N VAL B 213 20.96 20.51 -9.44
CA VAL B 213 20.68 19.57 -10.56
C VAL B 213 21.74 19.77 -11.66
N LEU B 214 22.09 21.01 -12.00
CA LEU B 214 23.11 21.31 -13.04
C LEU B 214 24.45 20.75 -12.60
N GLU B 215 24.79 20.89 -11.31
CA GLU B 215 26.03 20.34 -10.73
C GLU B 215 26.05 18.82 -10.85
N TYR B 216 24.90 18.16 -10.67
CA TYR B 216 24.79 16.70 -10.82
C TYR B 216 25.00 16.32 -12.28
N ILE B 217 24.34 17.03 -13.18
CA ILE B 217 24.48 16.78 -14.64
C ILE B 217 25.96 16.90 -15.03
N ALA B 218 26.57 18.04 -14.73
CA ALA B 218 27.98 18.35 -15.06
C ALA B 218 28.89 17.25 -14.53
N ASN B 219 28.71 16.87 -13.26
CA ASN B 219 29.55 15.88 -12.55
C ASN B 219 29.48 14.53 -13.29
N ALA B 220 28.32 14.22 -13.87
CA ALA B 220 28.18 12.92 -14.57
C ALA B 220 29.26 12.79 -15.65
N ASN B 221 29.80 13.89 -16.18
CA ASN B 221 30.77 13.83 -17.31
C ASN B 221 32.08 14.54 -16.94
N GLY B 222 32.36 14.68 -15.64
CA GLY B 222 33.60 15.31 -15.14
C GLY B 222 33.69 16.76 -15.59
N ARG B 223 32.54 17.46 -15.68
CA ARG B 223 32.46 18.85 -16.16
C ARG B 223 32.11 19.78 -15.01
N ASP B 224 32.53 21.03 -15.15
CA ASP B 224 32.14 22.13 -14.24
C ASP B 224 30.82 22.70 -14.72
N PRO B 225 29.87 23.04 -13.82
CA PRO B 225 28.59 23.64 -14.25
C PRO B 225 28.73 24.89 -15.14
N THR B 226 29.81 25.65 -14.99
CA THR B 226 30.04 26.89 -15.81
C THR B 226 30.08 26.50 -17.28
N SER B 227 30.52 25.29 -17.62
CA SER B 227 30.66 24.87 -19.03
C SER B 227 29.28 24.59 -19.64
N TYR B 228 28.20 24.82 -18.88
CA TYR B 228 26.80 24.80 -19.40
C TYR B 228 26.26 26.23 -19.24
N PRO B 229 26.73 27.19 -20.07
CA PRO B 229 26.62 28.60 -19.73
C PRO B 229 25.17 29.11 -19.70
N SER B 230 24.31 28.69 -20.63
CA SER B 230 22.89 29.16 -20.57
C SER B 230 22.24 28.54 -19.35
N LEU B 231 22.53 27.27 -19.09
CA LEU B 231 21.88 26.58 -17.94
C LEU B 231 22.42 27.18 -16.65
N TYR B 232 23.72 27.44 -16.60
CA TYR B 232 24.37 28.04 -15.40
C TYR B 232 23.70 29.39 -15.12
N GLU B 233 23.58 30.23 -16.16
CA GLU B 233 22.87 31.53 -16.06
C GLU B 233 21.42 31.27 -15.65
N ASP B 234 20.68 30.32 -16.26
CA ASP B 234 19.27 30.08 -15.84
C ASP B 234 19.20 29.58 -14.38
N ALA B 235 20.13 28.76 -13.90
CA ALA B 235 20.17 28.25 -12.50
C ALA B 235 20.35 29.38 -11.47
N LEU B 236 20.94 30.51 -11.85
CA LEU B 236 21.11 31.70 -10.96
C LEU B 236 19.84 32.59 -10.95
N ARG B 237 18.94 32.49 -11.93
CA ARG B 237 17.77 33.41 -12.12
C ARG B 237 16.55 32.97 -11.31
N ASP C 4 -21.32 -27.74 -27.08
CA ASP C 4 -20.07 -27.53 -27.85
C ASP C 4 -18.86 -27.81 -26.93
N ASP C 5 -17.63 -27.66 -27.46
CA ASP C 5 -16.38 -27.96 -26.71
C ASP C 5 -15.88 -26.70 -25.99
N PHE C 6 -15.63 -26.80 -24.68
CA PHE C 6 -15.22 -25.65 -23.83
C PHE C 6 -13.90 -25.09 -24.34
N LEU C 7 -12.93 -25.96 -24.63
CA LEU C 7 -11.58 -25.50 -25.03
C LEU C 7 -11.64 -24.89 -26.42
N VAL C 8 -12.56 -25.33 -27.29
CA VAL C 8 -12.72 -24.71 -28.64
C VAL C 8 -13.25 -23.29 -28.45
N VAL C 9 -14.24 -23.11 -27.58
CA VAL C 9 -14.80 -21.76 -27.30
C VAL C 9 -13.69 -20.86 -26.69
N VAL C 10 -12.85 -21.40 -25.79
CA VAL C 10 -11.70 -20.64 -25.18
C VAL C 10 -10.78 -20.15 -26.30
N HIS C 11 -10.55 -21.01 -27.29
CA HIS C 11 -9.67 -20.67 -28.45
C HIS C 11 -10.34 -19.52 -29.21
N GLN C 12 -11.65 -19.58 -29.38
CA GLN C 12 -12.37 -18.56 -30.18
C GLN C 12 -12.34 -17.24 -29.42
N ILE C 13 -12.33 -17.28 -28.09
CA ILE C 13 -12.30 -16.03 -27.28
C ILE C 13 -10.92 -15.38 -27.38
N ARG C 14 -9.86 -16.17 -27.36
CA ARG C 14 -8.48 -15.68 -27.57
C ARG C 14 -8.39 -15.00 -28.93
N GLN C 15 -8.95 -15.62 -29.96
CA GLN C 15 -9.02 -15.02 -31.31
C GLN C 15 -9.80 -13.72 -31.24
N LEU C 16 -10.95 -13.76 -30.60
CA LEU C 16 -11.83 -12.58 -30.53
C LEU C 16 -11.04 -11.39 -30.01
N PHE C 17 -10.22 -11.59 -28.99
CA PHE C 17 -9.53 -10.45 -28.31
C PHE C 17 -8.39 -9.93 -29.19
N GLN C 18 -8.07 -10.59 -30.29
CA GLN C 18 -7.09 -10.04 -31.25
C GLN C 18 -7.77 -9.83 -32.59
N TYR C 19 -9.03 -9.39 -32.59
CA TYR C 19 -9.71 -9.10 -33.87
C TYR C 19 -9.12 -7.86 -34.55
N GLN C 20 -8.29 -7.07 -33.86
CA GLN C 20 -7.66 -5.87 -34.49
C GLN C 20 -6.35 -6.32 -35.16
N ILE C 35 -6.36 -36.95 -24.38
CA ILE C 35 -6.79 -37.44 -23.03
C ILE C 35 -6.76 -36.26 -22.07
N LEU C 36 -5.71 -35.42 -22.15
CA LEU C 36 -5.59 -34.21 -21.29
C LEU C 36 -6.78 -33.29 -21.56
N HIS C 37 -7.15 -33.14 -22.83
CA HIS C 37 -8.30 -32.29 -23.25
C HIS C 37 -9.55 -32.65 -22.43
N ASP C 38 -9.87 -33.94 -22.31
CA ASP C 38 -11.07 -34.40 -21.58
C ASP C 38 -10.90 -34.11 -20.10
N LYS C 39 -9.74 -34.41 -19.51
CA LYS C 39 -9.45 -34.16 -18.08
C LYS C 39 -9.63 -32.67 -17.75
N ILE C 40 -9.10 -31.78 -18.59
CA ILE C 40 -9.22 -30.32 -18.35
C ILE C 40 -10.69 -29.94 -18.24
N ILE C 41 -11.50 -30.42 -19.16
CA ILE C 41 -12.94 -30.09 -19.24
C ILE C 41 -13.66 -30.73 -18.05
N ASP C 42 -13.32 -31.99 -17.71
CA ASP C 42 -13.92 -32.67 -16.52
C ASP C 42 -13.67 -31.78 -15.31
N LEU C 43 -12.43 -31.30 -15.16
CA LEU C 43 -12.04 -30.49 -13.98
C LEU C 43 -12.81 -29.15 -13.99
N VAL C 44 -13.05 -28.57 -15.16
CA VAL C 44 -13.84 -27.31 -15.26
C VAL C 44 -15.24 -27.55 -14.67
N HIS C 45 -15.85 -28.70 -14.98
CA HIS C 45 -17.18 -29.08 -14.44
C HIS C 45 -17.12 -29.18 -12.91
N LEU C 46 -16.02 -29.64 -12.32
CA LEU C 46 -15.90 -29.69 -10.84
C LEU C 46 -15.72 -28.28 -10.26
N LEU C 47 -14.84 -27.47 -10.86
CA LEU C 47 -14.61 -26.08 -10.40
C LEU C 47 -15.93 -25.28 -10.48
N LEU C 48 -16.76 -25.53 -11.49
CA LEU C 48 -18.11 -24.87 -11.62
C LEU C 48 -19.02 -25.30 -10.49
N ARG C 49 -19.03 -26.59 -10.15
CA ARG C 49 -19.78 -27.05 -8.97
C ARG C 49 -19.32 -26.28 -7.73
N LYS C 50 -18.00 -26.12 -7.53
CA LYS C 50 -17.50 -25.56 -6.26
C LYS C 50 -17.92 -24.10 -6.19
N TYR C 51 -17.76 -23.41 -7.31
CA TYR C 51 -18.07 -21.97 -7.37
C TYR C 51 -19.51 -21.70 -6.94
N ARG C 52 -20.46 -22.50 -7.39
CA ARG C 52 -21.89 -22.20 -7.10
C ARG C 52 -22.17 -22.28 -5.59
N VAL C 53 -21.47 -23.13 -4.83
CA VAL C 53 -21.76 -23.38 -3.38
C VAL C 53 -20.72 -22.67 -2.51
N LYS C 54 -19.94 -21.77 -3.10
CA LYS C 54 -18.78 -21.10 -2.45
C LYS C 54 -17.92 -22.17 -1.73
N GLY C 55 -17.59 -23.26 -2.44
CA GLY C 55 -16.92 -24.45 -1.88
C GLY C 55 -15.42 -24.38 -2.08
N LEU C 56 -14.68 -24.89 -1.11
CA LEU C 56 -13.21 -24.92 -1.12
C LEU C 56 -12.76 -26.14 -1.92
N ILE C 57 -11.67 -26.06 -2.67
CA ILE C 57 -11.20 -27.28 -3.35
C ILE C 57 -9.70 -27.43 -3.17
N THR C 58 -9.30 -28.68 -3.00
CA THR C 58 -7.91 -29.03 -2.68
C THR C 58 -7.28 -29.84 -3.80
N LYS C 59 -5.99 -29.66 -3.91
CA LYS C 59 -5.17 -30.47 -4.83
C LYS C 59 -5.52 -31.95 -4.64
N ALA C 60 -5.57 -32.42 -3.40
CA ALA C 60 -5.79 -33.86 -3.07
C ALA C 60 -7.15 -34.31 -3.61
N GLU C 61 -8.19 -33.51 -3.39
CA GLU C 61 -9.57 -33.79 -3.86
C GLU C 61 -9.55 -33.95 -5.40
N MET C 62 -8.88 -33.04 -6.10
CA MET C 62 -8.74 -33.08 -7.58
C MET C 62 -8.01 -34.35 -8.01
N LEU C 63 -6.90 -34.66 -7.34
CA LEU C 63 -6.07 -35.83 -7.72
C LEU C 63 -6.82 -37.13 -7.43
N GLY C 64 -7.65 -37.18 -6.36
CA GLY C 64 -8.39 -38.40 -5.95
C GLY C 64 -9.55 -38.75 -6.87
N SER C 65 -10.04 -37.81 -7.68
CA SER C 65 -11.30 -37.97 -8.45
C SER C 65 -11.06 -37.74 -9.95
N VAL C 66 -11.25 -36.49 -10.39
CA VAL C 66 -11.17 -36.08 -11.82
C VAL C 66 -9.78 -36.40 -12.38
N ILE C 67 -8.70 -36.16 -11.64
CA ILE C 67 -7.31 -36.26 -12.18
C ILE C 67 -6.66 -37.59 -11.80
N LYS C 68 -7.38 -38.49 -11.12
CA LYS C 68 -6.82 -39.81 -10.74
C LYS C 68 -6.17 -40.49 -11.95
N ASN C 69 -4.91 -40.91 -11.78
CA ASN C 69 -4.10 -41.63 -12.80
C ASN C 69 -3.42 -40.65 -13.77
N TYR C 70 -3.65 -39.33 -13.66
CA TYR C 70 -2.95 -38.31 -14.49
C TYR C 70 -2.30 -37.28 -13.58
N GLU C 71 -1.87 -37.75 -12.42
CA GLU C 71 -1.27 -36.95 -11.33
C GLU C 71 -0.06 -36.17 -11.86
N ASP C 72 0.68 -36.74 -12.82
CA ASP C 72 1.93 -36.13 -13.36
C ASP C 72 1.58 -34.93 -14.24
N TYR C 73 0.33 -34.85 -14.69
CA TYR C 73 -0.15 -33.77 -15.57
C TYR C 73 -0.92 -32.72 -14.77
N PHE C 74 -0.82 -32.71 -13.43
CA PHE C 74 -1.66 -31.83 -12.58
C PHE C 74 -1.42 -30.36 -12.93
N PRO C 75 -0.16 -29.85 -12.95
CA PRO C 75 0.07 -28.43 -13.21
C PRO C 75 -0.58 -27.92 -14.50
N GLU C 76 -0.42 -28.61 -15.63
CA GLU C 76 -0.94 -28.06 -16.89
C GLU C 76 -2.46 -28.30 -16.98
N ILE C 77 -3.00 -29.41 -16.47
CA ILE C 77 -4.48 -29.60 -16.51
C ILE C 77 -5.13 -28.44 -15.75
N PHE C 78 -4.63 -28.25 -14.52
CA PHE C 78 -5.14 -27.23 -13.58
C PHE C 78 -4.96 -25.83 -14.15
N ARG C 79 -3.77 -25.57 -14.70
CA ARG C 79 -3.51 -24.27 -15.38
C ARG C 79 -4.58 -24.05 -16.45
N GLU C 80 -4.79 -25.07 -17.28
CA GLU C 80 -5.66 -24.96 -18.48
C GLU C 80 -7.13 -24.93 -18.01
N ALA C 81 -7.53 -25.75 -17.05
CA ALA C 81 -8.89 -25.65 -16.47
C ALA C 81 -9.11 -24.20 -16.02
N SER C 82 -8.11 -23.63 -15.33
CA SER C 82 -8.15 -22.27 -14.77
C SER C 82 -8.33 -21.24 -15.89
N VAL C 83 -7.58 -21.35 -16.99
CA VAL C 83 -7.80 -20.41 -18.12
C VAL C 83 -9.27 -20.49 -18.54
N CYS C 84 -9.81 -21.70 -18.61
CA CYS C 84 -11.19 -21.91 -19.12
C CYS C 84 -12.17 -21.26 -18.16
N MET C 85 -11.97 -21.48 -16.86
CA MET C 85 -12.86 -20.91 -15.84
C MET C 85 -12.87 -19.39 -16.05
N GLN C 86 -11.71 -18.81 -16.34
CA GLN C 86 -11.67 -17.34 -16.46
C GLN C 86 -12.34 -16.88 -17.77
N LEU C 87 -11.78 -17.24 -18.92
CA LEU C 87 -12.20 -16.59 -20.19
C LEU C 87 -13.64 -16.97 -20.55
N LEU C 88 -14.06 -18.20 -20.26
CA LEU C 88 -15.42 -18.67 -20.66
C LEU C 88 -16.45 -18.29 -19.59
N PHE C 89 -16.09 -18.41 -18.30
CA PHE C 89 -17.11 -18.22 -17.24
C PHE C 89 -16.90 -16.97 -16.38
N GLY C 90 -15.76 -16.31 -16.49
CA GLY C 90 -15.51 -15.07 -15.74
C GLY C 90 -15.28 -15.38 -14.27
N ILE C 91 -14.59 -16.50 -14.01
CA ILE C 91 -14.29 -16.99 -12.64
C ILE C 91 -12.78 -17.18 -12.50
N ASP C 92 -12.20 -16.55 -11.48
CA ASP C 92 -10.80 -16.69 -11.02
C ASP C 92 -10.66 -17.78 -9.96
N VAL C 93 -9.58 -18.54 -10.07
CA VAL C 93 -9.20 -19.63 -9.13
C VAL C 93 -8.19 -19.01 -8.17
N LYS C 94 -8.50 -18.95 -6.87
CA LYS C 94 -7.69 -18.19 -5.87
C LYS C 94 -7.18 -19.18 -4.81
N GLU C 95 -5.86 -19.20 -4.67
CA GLU C 95 -5.16 -20.06 -3.69
C GLU C 95 -5.41 -19.47 -2.31
N VAL C 96 -5.99 -20.25 -1.40
CA VAL C 96 -6.31 -19.71 -0.06
C VAL C 96 -5.44 -20.41 0.99
N ASP C 97 -4.68 -21.43 0.62
CA ASP C 97 -3.72 -22.14 1.53
C ASP C 97 -2.61 -22.75 0.70
N PRO C 98 -1.38 -22.19 0.66
CA PRO C 98 -0.26 -22.84 -0.03
C PRO C 98 0.15 -24.22 0.53
N THR C 99 -0.21 -24.55 1.76
CA THR C 99 0.28 -25.81 2.39
C THR C 99 -0.52 -27.00 1.89
N SER C 100 -1.84 -26.95 2.05
CA SER C 100 -2.82 -27.95 1.56
C SER C 100 -3.06 -27.77 0.06
N HIS C 101 -2.70 -26.61 -0.50
CA HIS C 101 -3.08 -26.26 -1.88
C HIS C 101 -4.60 -26.26 -1.95
N SER C 102 -5.21 -25.31 -1.23
CA SER C 102 -6.67 -25.07 -1.21
C SER C 102 -6.97 -23.84 -2.02
N TYR C 103 -8.04 -23.91 -2.79
CA TYR C 103 -8.43 -22.83 -3.70
C TYR C 103 -9.91 -22.54 -3.53
N VAL C 104 -10.25 -21.30 -3.83
CA VAL C 104 -11.67 -20.91 -4.00
C VAL C 104 -11.83 -20.26 -5.36
N LEU C 105 -13.09 -20.22 -5.76
CA LEU C 105 -13.59 -19.70 -7.04
C LEU C 105 -14.38 -18.44 -6.76
N VAL C 106 -13.96 -17.34 -7.37
CA VAL C 106 -14.60 -16.01 -7.20
C VAL C 106 -14.70 -15.37 -8.58
N THR C 107 -15.71 -14.55 -8.74
CA THR C 107 -15.97 -13.83 -10.00
C THR C 107 -14.79 -12.95 -10.38
N SER C 108 -14.36 -13.05 -11.63
CA SER C 108 -13.24 -12.25 -12.19
C SER C 108 -13.51 -10.75 -12.05
N LEU C 109 -12.44 -9.95 -11.97
CA LEU C 109 -12.48 -8.47 -11.88
C LEU C 109 -13.39 -8.02 -10.73
N ASN C 110 -13.51 -8.87 -9.71
CA ASN C 110 -14.40 -8.65 -8.52
C ASN C 110 -15.75 -8.05 -8.96
N LEU C 111 -16.33 -8.50 -10.08
CA LEU C 111 -17.71 -8.11 -10.47
C LEU C 111 -18.71 -8.73 -9.47
N SER C 112 -19.81 -8.04 -9.20
CA SER C 112 -20.86 -8.54 -8.28
C SER C 112 -21.92 -9.38 -9.00
N TYR C 113 -21.76 -9.70 -10.30
CA TYR C 113 -22.80 -10.41 -11.08
C TYR C 113 -22.22 -11.66 -11.72
N ASP C 114 -22.96 -12.75 -11.64
CA ASP C 114 -22.64 -13.95 -12.43
C ASP C 114 -23.86 -14.42 -13.24
N GLY C 115 -25.01 -13.74 -13.17
CA GLY C 115 -26.26 -14.17 -13.85
C GLY C 115 -26.67 -15.58 -13.48
N ILE C 116 -26.15 -16.14 -12.39
CA ILE C 116 -26.57 -17.51 -11.96
C ILE C 116 -27.77 -17.36 -11.02
N GLN C 117 -28.97 -17.59 -11.55
CA GLN C 117 -30.21 -17.36 -10.77
C GLN C 117 -30.92 -18.70 -10.49
N SER C 122 -28.09 -22.68 -14.52
CA SER C 122 -27.48 -21.66 -15.41
C SER C 122 -25.97 -21.85 -15.41
N MET C 123 -25.36 -21.41 -16.49
CA MET C 123 -23.90 -21.28 -16.56
C MET C 123 -23.56 -19.82 -16.26
N PRO C 124 -22.50 -19.51 -15.50
CA PRO C 124 -22.16 -18.11 -15.25
C PRO C 124 -21.99 -17.33 -16.56
N LYS C 125 -22.40 -16.06 -16.52
CA LYS C 125 -22.44 -15.16 -17.70
C LYS C 125 -21.40 -14.05 -17.55
N SER C 126 -20.63 -14.10 -16.46
CA SER C 126 -19.62 -13.06 -16.09
C SER C 126 -18.49 -13.03 -17.12
N GLY C 127 -18.10 -14.18 -17.67
CA GLY C 127 -17.11 -14.26 -18.76
C GLY C 127 -17.59 -13.48 -19.98
N LEU C 128 -18.83 -13.75 -20.40
CA LEU C 128 -19.36 -13.09 -21.60
C LEU C 128 -19.49 -11.59 -21.30
N LEU C 129 -19.95 -11.26 -20.10
CA LEU C 129 -20.05 -9.84 -19.66
C LEU C 129 -18.68 -9.14 -19.81
N ILE C 130 -17.63 -9.76 -19.28
CA ILE C 130 -16.27 -9.15 -19.34
C ILE C 130 -15.83 -8.96 -20.80
N ILE C 131 -16.10 -9.96 -21.65
CA ILE C 131 -15.71 -9.89 -23.10
C ILE C 131 -16.40 -8.68 -23.74
N VAL C 132 -17.70 -8.53 -23.49
CA VAL C 132 -18.53 -7.42 -24.05
C VAL C 132 -18.01 -6.08 -23.52
N LEU C 133 -17.73 -5.98 -22.23
CA LEU C 133 -17.11 -4.73 -21.69
C LEU C 133 -15.76 -4.51 -22.40
N GLY C 134 -14.97 -5.58 -22.58
CA GLY C 134 -13.66 -5.56 -23.24
C GLY C 134 -13.76 -4.98 -24.64
N VAL C 135 -14.73 -5.48 -25.41
CA VAL C 135 -14.94 -5.08 -26.82
C VAL C 135 -15.33 -3.61 -26.90
N ILE C 136 -16.32 -3.19 -26.13
CA ILE C 136 -16.74 -1.76 -26.11
C ILE C 136 -15.50 -0.89 -25.89
N PHE C 137 -14.63 -1.26 -24.95
CA PHE C 137 -13.39 -0.50 -24.63
C PHE C 137 -12.43 -0.54 -25.84
N MET C 138 -12.37 -1.69 -26.51
CA MET C 138 -11.41 -1.90 -27.63
C MET C 138 -11.79 -1.05 -28.84
N GLU C 139 -13.05 -0.60 -28.90
CA GLU C 139 -13.61 0.23 -29.98
C GLU C 139 -13.70 1.68 -29.50
N GLY C 140 -12.96 2.07 -28.45
CA GLY C 140 -12.93 3.47 -27.99
C GLY C 140 -14.17 3.85 -27.21
N ASN C 141 -14.78 2.87 -26.52
CA ASN C 141 -15.72 3.10 -25.39
C ASN C 141 -17.11 3.47 -25.90
N CYS C 142 -17.34 3.31 -27.20
CA CYS C 142 -18.66 3.41 -27.86
C CYS C 142 -18.58 2.52 -29.08
N ILE C 143 -19.53 1.62 -29.27
CA ILE C 143 -19.46 0.66 -30.40
C ILE C 143 -20.84 0.59 -31.04
N PRO C 144 -20.93 0.67 -32.39
CA PRO C 144 -22.17 0.35 -33.09
C PRO C 144 -22.57 -1.10 -32.79
N GLU C 145 -23.88 -1.33 -32.67
CA GLU C 145 -24.40 -2.69 -32.34
C GLU C 145 -23.91 -3.70 -33.38
N GLU C 146 -23.95 -3.31 -34.65
CA GLU C 146 -23.48 -4.12 -35.81
C GLU C 146 -22.06 -4.62 -35.54
N VAL C 147 -21.19 -3.74 -35.05
CA VAL C 147 -19.76 -4.09 -34.80
C VAL C 147 -19.70 -5.13 -33.67
N MET C 148 -20.47 -4.92 -32.61
CA MET C 148 -20.58 -5.86 -31.46
C MET C 148 -20.90 -7.28 -31.99
N TRP C 149 -21.92 -7.44 -32.83
CA TRP C 149 -22.38 -8.77 -33.29
C TRP C 149 -21.32 -9.40 -34.18
N GLU C 150 -20.69 -8.60 -35.02
CA GLU C 150 -19.57 -9.05 -35.90
C GLU C 150 -18.46 -9.60 -35.02
N VAL C 151 -18.10 -8.88 -33.97
CA VAL C 151 -17.00 -9.34 -33.08
C VAL C 151 -17.45 -10.57 -32.29
N LEU C 152 -18.71 -10.64 -31.82
CA LEU C 152 -19.15 -11.78 -30.98
C LEU C 152 -19.32 -13.03 -31.85
N SER C 153 -19.59 -12.85 -33.14
CA SER C 153 -19.68 -14.03 -34.04
C SER C 153 -18.36 -14.81 -33.98
N ILE C 154 -17.22 -14.17 -33.67
CA ILE C 154 -15.92 -14.89 -33.65
C ILE C 154 -16.00 -16.03 -32.62
N MET C 155 -16.73 -15.85 -31.52
CA MET C 155 -16.82 -16.89 -30.47
C MET C 155 -18.17 -17.60 -30.57
N GLY C 156 -18.82 -17.45 -31.72
CA GLY C 156 -20.05 -18.21 -32.05
C GLY C 156 -21.19 -17.77 -31.18
N VAL C 157 -21.32 -16.44 -31.00
CA VAL C 157 -22.44 -15.80 -30.26
C VAL C 157 -23.18 -14.95 -31.27
N TYR C 158 -24.47 -15.21 -31.42
CA TYR C 158 -25.30 -14.67 -32.53
C TYR C 158 -26.62 -14.22 -31.97
N ALA C 159 -27.00 -13.00 -32.28
CA ALA C 159 -28.33 -12.45 -31.99
C ALA C 159 -29.40 -13.40 -32.57
N GLY C 160 -30.49 -13.61 -31.85
CA GLY C 160 -31.66 -14.38 -32.33
C GLY C 160 -31.40 -15.86 -32.27
N ARG C 161 -30.19 -16.29 -31.89
CA ARG C 161 -29.89 -17.73 -31.73
C ARG C 161 -29.56 -18.02 -30.27
N GLU C 162 -29.94 -19.21 -29.81
CA GLU C 162 -29.80 -19.62 -28.39
C GLU C 162 -28.43 -20.28 -28.23
N HIS C 163 -27.50 -19.57 -27.60
CA HIS C 163 -26.15 -20.08 -27.28
C HIS C 163 -26.28 -21.15 -26.21
N PHE C 164 -25.50 -22.22 -26.29
CA PHE C 164 -25.63 -23.44 -25.44
C PHE C 164 -25.13 -23.20 -24.01
N LEU C 165 -24.43 -22.09 -23.80
CA LEU C 165 -24.02 -21.71 -22.44
C LEU C 165 -24.86 -20.52 -22.00
N PHE C 166 -24.94 -19.50 -22.84
CA PHE C 166 -25.30 -18.14 -22.39
C PHE C 166 -26.72 -17.75 -22.79
N GLY C 167 -27.45 -18.58 -23.54
CA GLY C 167 -28.82 -18.22 -23.98
C GLY C 167 -28.82 -17.22 -25.13
N GLU C 168 -29.94 -16.53 -25.29
CA GLU C 168 -30.21 -15.59 -26.40
C GLU C 168 -29.48 -14.29 -26.09
N PRO C 169 -28.43 -13.93 -26.84
CA PRO C 169 -27.52 -12.86 -26.42
C PRO C 169 -28.10 -11.44 -26.61
N LYS C 170 -28.95 -11.24 -27.62
CA LYS C 170 -29.52 -9.89 -27.84
C LYS C 170 -30.35 -9.50 -26.61
N ARG C 171 -31.16 -10.40 -26.07
CA ARG C 171 -31.93 -10.11 -24.82
C ARG C 171 -30.94 -9.89 -23.67
N LEU C 172 -29.94 -10.75 -23.56
CA LEU C 172 -28.94 -10.62 -22.50
C LEU C 172 -28.30 -9.21 -22.57
N LEU C 173 -27.74 -8.80 -23.70
CA LEU C 173 -26.99 -7.52 -23.82
C LEU C 173 -27.91 -6.30 -23.73
N THR C 174 -29.06 -6.29 -24.42
CA THR C 174 -29.91 -5.07 -24.56
C THR C 174 -30.96 -4.98 -23.46
N GLN C 175 -31.26 -6.05 -22.73
CA GLN C 175 -32.32 -5.99 -21.68
C GLN C 175 -31.69 -6.29 -20.31
N ASN C 176 -31.24 -7.52 -20.08
CA ASN C 176 -30.70 -7.92 -18.76
C ASN C 176 -29.60 -6.94 -18.32
N TRP C 177 -28.60 -6.74 -19.16
CA TRP C 177 -27.38 -6.02 -18.72
C TRP C 177 -27.60 -4.52 -18.75
N VAL C 178 -28.64 -4.04 -19.44
CA VAL C 178 -29.07 -2.62 -19.29
C VAL C 178 -29.75 -2.45 -17.92
N GLN C 179 -30.62 -3.39 -17.57
CA GLN C 179 -31.37 -3.40 -16.29
C GLN C 179 -30.41 -3.63 -15.12
N GLU C 180 -29.40 -4.49 -15.29
CA GLU C 180 -28.31 -4.67 -14.28
C GLU C 180 -27.36 -3.45 -14.23
N LYS C 181 -27.42 -2.55 -15.21
CA LYS C 181 -26.69 -1.24 -15.24
C LYS C 181 -25.22 -1.42 -15.65
N TYR C 182 -24.87 -2.54 -16.27
CA TYR C 182 -23.48 -2.78 -16.74
C TYR C 182 -23.28 -2.16 -18.13
N LEU C 183 -24.36 -1.98 -18.89
CA LEU C 183 -24.34 -1.51 -20.30
C LEU C 183 -25.37 -0.40 -20.48
N VAL C 184 -25.01 0.59 -21.28
CA VAL C 184 -25.97 1.53 -21.94
C VAL C 184 -26.17 1.03 -23.37
N TYR C 185 -27.42 0.95 -23.80
CA TYR C 185 -27.86 0.63 -25.19
C TYR C 185 -28.81 1.72 -25.67
N ARG C 186 -28.33 2.59 -26.55
CA ARG C 186 -29.05 3.82 -26.95
C ARG C 186 -29.00 3.99 -28.47
N GLN C 187 -30.04 4.61 -29.01
CA GLN C 187 -30.11 4.97 -30.43
C GLN C 187 -29.03 6.01 -30.73
N VAL C 188 -28.37 5.89 -31.88
CA VAL C 188 -27.50 6.97 -32.42
C VAL C 188 -28.41 8.11 -32.89
N ALA C 194 -33.45 3.80 -37.20
CA ALA C 194 -32.82 3.70 -35.86
C ALA C 194 -31.64 2.73 -35.91
N CYS C 195 -30.42 3.24 -35.66
CA CYS C 195 -29.18 2.47 -35.34
C CYS C 195 -28.83 2.63 -33.86
N TYR C 196 -28.33 1.57 -33.23
CA TYR C 196 -28.04 1.55 -31.79
C TYR C 196 -26.54 1.41 -31.54
N GLU C 197 -26.10 1.94 -30.40
CA GLU C 197 -24.71 1.78 -29.92
C GLU C 197 -24.66 1.31 -28.45
N PHE C 198 -23.57 0.66 -28.09
CA PHE C 198 -23.27 0.14 -26.74
C PHE C 198 -22.20 1.01 -26.09
N LEU C 199 -22.40 1.35 -24.82
CA LEU C 199 -21.33 1.86 -23.93
C LEU C 199 -21.40 1.11 -22.61
N TRP C 200 -20.34 1.27 -21.83
CA TRP C 200 -20.28 0.94 -20.40
C TRP C 200 -21.39 1.66 -19.64
N GLY C 201 -22.09 0.93 -18.78
CA GLY C 201 -23.02 1.54 -17.83
C GLY C 201 -22.31 1.93 -16.54
N PRO C 202 -23.03 2.63 -15.64
CA PRO C 202 -22.42 3.07 -14.38
C PRO C 202 -21.89 1.89 -13.54
N ARG C 203 -22.46 0.70 -13.63
CA ARG C 203 -22.00 -0.39 -12.73
C ARG C 203 -20.66 -0.92 -13.24
N ALA C 204 -20.47 -0.86 -14.54
CA ALA C 204 -19.18 -1.24 -15.15
C ALA C 204 -18.10 -0.34 -14.56
N HIS C 205 -18.35 0.97 -14.56
CA HIS C 205 -17.41 2.01 -14.08
C HIS C 205 -17.21 1.88 -12.59
N ALA C 206 -18.31 1.57 -11.88
CA ALA C 206 -18.29 1.37 -10.42
C ALA C 206 -17.39 0.18 -10.07
N GLU C 207 -17.40 -0.90 -10.86
CA GLU C 207 -16.88 -2.20 -10.38
C GLU C 207 -15.48 -2.50 -10.93
N THR C 208 -15.05 -1.82 -11.98
CA THR C 208 -13.76 -2.11 -12.64
C THR C 208 -13.30 -0.81 -13.29
N SER C 209 -12.25 -0.93 -14.07
CA SER C 209 -11.53 0.17 -14.72
C SER C 209 -11.06 -0.28 -16.10
N LYS C 210 -10.74 0.68 -16.94
CA LYS C 210 -10.13 0.42 -18.27
C LYS C 210 -8.87 -0.43 -18.11
N MET C 211 -8.00 -0.09 -17.16
CA MET C 211 -6.68 -0.74 -17.04
C MET C 211 -6.86 -2.19 -16.59
N LYS C 212 -7.80 -2.47 -15.69
CA LYS C 212 -8.07 -3.87 -15.21
C LYS C 212 -8.65 -4.68 -16.38
N VAL C 213 -9.59 -4.13 -17.14
CA VAL C 213 -10.14 -4.84 -18.33
C VAL C 213 -9.02 -5.05 -19.35
N LEU C 214 -8.14 -4.07 -19.56
CA LEU C 214 -7.03 -4.24 -20.54
C LEU C 214 -6.10 -5.35 -20.08
N GLU C 215 -5.77 -5.40 -18.79
CA GLU C 215 -4.93 -6.51 -18.22
C GLU C 215 -5.58 -7.87 -18.49
N TYR C 216 -6.87 -7.95 -18.20
CA TYR C 216 -7.67 -9.17 -18.46
C TYR C 216 -7.54 -9.56 -19.94
N ILE C 217 -7.76 -8.60 -20.85
CA ILE C 217 -7.71 -8.80 -22.33
C ILE C 217 -6.30 -9.25 -22.75
N ALA C 218 -5.26 -8.54 -22.30
CA ALA C 218 -3.87 -8.89 -22.65
C ALA C 218 -3.50 -10.29 -22.10
N ASN C 219 -3.92 -10.62 -20.87
CA ASN C 219 -3.51 -11.89 -20.20
C ASN C 219 -4.18 -13.06 -20.93
N ALA C 220 -5.34 -12.86 -21.57
CA ALA C 220 -6.01 -13.87 -22.43
C ALA C 220 -5.00 -14.45 -23.44
N ASN C 221 -4.10 -13.61 -23.96
CA ASN C 221 -3.15 -14.07 -25.01
C ASN C 221 -1.69 -14.02 -24.56
N GLY C 222 -1.40 -14.12 -23.27
CA GLY C 222 -0.03 -13.95 -22.72
C GLY C 222 0.61 -12.59 -23.06
N ARG C 223 -0.15 -11.60 -23.55
CA ARG C 223 0.42 -10.28 -23.98
C ARG C 223 0.44 -9.32 -22.80
N ASP C 224 1.15 -8.22 -22.99
CA ASP C 224 1.33 -7.13 -21.99
C ASP C 224 0.32 -6.02 -22.31
N PRO C 225 -0.29 -5.34 -21.32
CA PRO C 225 -1.21 -4.24 -21.61
C PRO C 225 -0.61 -3.18 -22.54
N THR C 226 0.72 -2.97 -22.46
CA THR C 226 1.44 -1.96 -23.31
C THR C 226 1.39 -2.39 -24.78
N SER C 227 1.25 -3.68 -25.08
CA SER C 227 1.14 -4.19 -26.47
C SER C 227 -0.13 -3.68 -27.18
N TYR C 228 -1.04 -3.01 -26.49
CA TYR C 228 -2.21 -2.35 -27.13
C TYR C 228 -2.04 -0.84 -26.93
N PRO C 229 -1.03 -0.23 -27.60
CA PRO C 229 -0.59 1.13 -27.28
C PRO C 229 -1.70 2.16 -27.04
N SER C 230 -2.70 2.12 -27.92
CA SER C 230 -3.88 3.02 -27.94
C SER C 230 -4.77 2.74 -26.72
N LEU C 231 -4.98 1.47 -26.41
CA LEU C 231 -5.83 1.11 -25.25
C LEU C 231 -5.06 1.44 -23.97
N TYR C 232 -3.75 1.19 -23.96
CA TYR C 232 -2.91 1.47 -22.77
C TYR C 232 -2.95 2.97 -22.50
N GLU C 233 -2.79 3.76 -23.56
CA GLU C 233 -2.87 5.25 -23.47
C GLU C 233 -4.21 5.65 -22.84
N ASP C 234 -5.31 5.09 -23.33
CA ASP C 234 -6.70 5.40 -22.90
C ASP C 234 -6.89 4.98 -21.44
N ALA C 235 -6.45 3.77 -21.05
CA ALA C 235 -6.63 3.30 -19.65
C ALA C 235 -5.71 4.06 -18.69
N LEU C 236 -4.53 4.52 -19.14
CA LEU C 236 -3.66 5.44 -18.34
C LEU C 236 -4.40 6.77 -18.06
N ARG C 237 -4.97 7.40 -19.08
CA ARG C 237 -5.69 8.69 -18.94
C ARG C 237 -6.79 8.58 -17.89
N GLU C 238 -7.51 7.45 -17.83
CA GLU C 238 -8.59 7.26 -16.84
C GLU C 238 -7.99 7.12 -15.44
N GLU C 239 -6.86 6.43 -15.30
CA GLU C 239 -6.22 6.27 -13.97
C GLU C 239 -5.73 7.63 -13.45
N GLY C 240 -5.51 8.64 -14.31
CA GLY C 240 -4.87 9.93 -13.95
C GLY C 240 -5.81 11.14 -14.04
N ASP D 4 4.14 4.68 28.43
CA ASP D 4 3.78 6.04 28.93
C ASP D 4 3.01 6.78 27.83
N ASP D 5 2.80 8.09 28.02
CA ASP D 5 2.05 8.98 27.10
C ASP D 5 3.05 9.76 26.22
N PHE D 6 2.82 9.81 24.93
CA PHE D 6 3.73 10.52 23.97
C PHE D 6 3.94 11.97 24.43
N LEU D 7 2.86 12.71 24.64
CA LEU D 7 2.90 14.15 25.02
C LEU D 7 3.56 14.32 26.40
N VAL D 8 3.39 13.35 27.30
CA VAL D 8 4.06 13.40 28.63
C VAL D 8 5.56 13.23 28.37
N VAL D 9 5.92 12.31 27.49
CA VAL D 9 7.36 12.09 27.23
C VAL D 9 7.91 13.36 26.56
N VAL D 10 7.15 14.01 25.67
CA VAL D 10 7.62 15.23 24.95
C VAL D 10 7.87 16.31 25.99
N HIS D 11 6.99 16.39 27.00
CA HIS D 11 7.14 17.36 28.09
C HIS D 11 8.47 17.10 28.81
N GLN D 12 8.79 15.84 29.07
CA GLN D 12 9.99 15.45 29.84
C GLN D 12 11.26 15.74 29.03
N ILE D 13 11.18 15.63 27.71
CA ILE D 13 12.35 15.94 26.83
C ILE D 13 12.60 17.43 26.93
N ARG D 14 11.53 18.21 26.91
CA ARG D 14 11.62 19.67 27.06
C ARG D 14 12.27 20.05 28.39
N GLN D 15 11.87 19.41 29.48
CA GLN D 15 12.52 19.62 30.81
C GLN D 15 13.95 19.16 30.72
N LEU D 16 14.16 18.02 30.08
CA LEU D 16 15.53 17.47 29.98
C LEU D 16 16.46 18.53 29.40
N PHE D 17 16.05 19.21 28.33
CA PHE D 17 16.96 20.16 27.63
C PHE D 17 17.21 21.39 28.50
N GLN D 18 16.44 21.58 29.57
CA GLN D 18 16.63 22.67 30.56
C GLN D 18 17.39 22.16 31.79
N TYR D 19 17.98 20.97 31.75
CA TYR D 19 18.47 20.33 32.99
C TYR D 19 19.49 21.23 33.69
N GLN D 20 20.18 22.10 32.96
CA GLN D 20 21.32 22.89 33.52
C GLN D 20 20.82 24.12 34.27
N GLU D 21 19.57 24.51 34.03
CA GLU D 21 19.03 25.81 34.47
C GLU D 21 18.01 25.59 35.60
N GLY D 22 17.71 24.33 35.92
CA GLY D 22 16.68 23.98 36.93
C GLY D 22 15.29 24.25 36.37
N VAL D 23 14.25 23.99 37.18
CA VAL D 23 12.83 23.87 36.74
C VAL D 23 12.10 25.19 37.01
N ARG D 24 11.18 25.58 36.11
CA ARG D 24 10.33 26.80 36.22
C ARG D 24 8.98 26.45 36.87
N LEU D 36 -8.42 17.33 22.61
CA LEU D 36 -7.35 17.66 21.58
C LEU D 36 -6.09 16.81 21.84
N HIS D 37 -5.86 16.40 23.07
CA HIS D 37 -4.70 15.55 23.45
C HIS D 37 -4.72 14.25 22.62
N ASP D 38 -5.86 13.58 22.56
CA ASP D 38 -5.99 12.28 21.86
C ASP D 38 -5.74 12.48 20.37
N LYS D 39 -6.41 13.45 19.74
CA LYS D 39 -6.27 13.72 18.28
C LYS D 39 -4.80 13.99 17.92
N ILE D 40 -4.05 14.70 18.76
CA ILE D 40 -2.63 15.01 18.46
C ILE D 40 -1.89 13.67 18.37
N ILE D 41 -2.20 12.76 19.28
CA ILE D 41 -1.48 11.45 19.35
C ILE D 41 -1.97 10.52 18.24
N ASP D 42 -3.26 10.57 17.92
CA ASP D 42 -3.80 9.81 16.76
C ASP D 42 -3.01 10.24 15.50
N LEU D 43 -2.88 11.54 15.26
CA LEU D 43 -2.21 12.06 14.03
C LEU D 43 -0.71 11.68 14.06
N VAL D 44 -0.06 11.73 15.21
CA VAL D 44 1.34 11.22 15.30
C VAL D 44 1.41 9.79 14.73
N HIS D 45 0.47 8.89 15.09
CA HIS D 45 0.50 7.49 14.59
C HIS D 45 0.37 7.48 13.07
N LEU D 46 -0.46 8.34 12.51
CA LEU D 46 -0.57 8.41 11.03
C LEU D 46 0.73 8.95 10.42
N LEU D 47 1.34 9.98 11.00
CA LEU D 47 2.57 10.58 10.40
C LEU D 47 3.70 9.53 10.46
N LEU D 48 3.70 8.71 11.51
CA LEU D 48 4.67 7.58 11.64
C LEU D 48 4.46 6.56 10.51
N ARG D 49 3.20 6.21 10.21
CA ARG D 49 2.93 5.31 9.08
C ARG D 49 3.51 5.95 7.80
N LYS D 50 3.21 7.21 7.54
CA LYS D 50 3.67 7.87 6.30
C LYS D 50 5.19 7.86 6.25
N TYR D 51 5.84 8.15 7.38
CA TYR D 51 7.31 8.22 7.45
C TYR D 51 7.92 6.92 6.95
N ARG D 52 7.42 5.79 7.43
CA ARG D 52 8.09 4.47 7.19
C ARG D 52 8.04 4.06 5.71
N VAL D 53 7.01 4.48 4.98
CA VAL D 53 6.73 4.08 3.55
C VAL D 53 7.08 5.25 2.61
N LYS D 54 7.75 6.27 3.12
CA LYS D 54 8.07 7.53 2.41
C LYS D 54 6.83 8.08 1.69
N GLY D 55 5.70 8.10 2.40
CA GLY D 55 4.38 8.50 1.87
C GLY D 55 4.14 9.99 2.01
N LEU D 56 3.43 10.56 1.05
CA LEU D 56 3.03 11.97 1.12
C LEU D 56 1.75 12.01 1.95
N ILE D 57 1.57 13.08 2.72
CA ILE D 57 0.28 13.29 3.43
C ILE D 57 -0.22 14.70 3.18
N THR D 58 -1.54 14.83 3.11
CA THR D 58 -2.18 16.11 2.76
C THR D 58 -3.06 16.58 3.90
N LYS D 59 -3.25 17.89 3.91
CA LYS D 59 -4.20 18.52 4.82
C LYS D 59 -5.55 17.81 4.71
N ALA D 60 -6.11 17.71 3.50
CA ALA D 60 -7.45 17.13 3.25
C ALA D 60 -7.50 15.69 3.78
N GLU D 61 -6.44 14.93 3.52
CA GLU D 61 -6.35 13.52 3.97
C GLU D 61 -6.51 13.49 5.50
N MET D 62 -5.86 14.42 6.22
CA MET D 62 -5.82 14.42 7.70
C MET D 62 -7.20 14.83 8.23
N LEU D 63 -7.80 15.82 7.58
CA LEU D 63 -9.15 16.33 7.91
C LEU D 63 -10.20 15.28 7.59
N GLY D 64 -10.02 14.49 6.52
CA GLY D 64 -10.94 13.40 6.16
C GLY D 64 -10.98 12.31 7.22
N SER D 65 -9.87 12.08 7.93
CA SER D 65 -9.63 10.85 8.73
C SER D 65 -9.58 11.17 10.23
N VAL D 66 -8.35 11.37 10.73
CA VAL D 66 -8.02 11.50 12.17
C VAL D 66 -8.61 12.80 12.72
N ILE D 67 -8.65 13.87 11.93
CA ILE D 67 -9.10 15.21 12.41
C ILE D 67 -10.57 15.48 12.06
N LYS D 68 -11.35 14.48 11.62
CA LYS D 68 -12.77 14.71 11.28
C LYS D 68 -13.49 15.28 12.51
N ASN D 69 -14.20 16.41 12.31
CA ASN D 69 -15.05 17.15 13.29
C ASN D 69 -14.20 18.05 14.21
N TYR D 70 -12.88 18.14 13.97
CA TYR D 70 -11.97 19.04 14.73
C TYR D 70 -11.25 19.96 13.76
N GLU D 71 -11.80 20.10 12.56
CA GLU D 71 -11.22 20.93 11.46
C GLU D 71 -10.73 22.27 12.01
N ASP D 72 -11.50 22.90 12.90
CA ASP D 72 -11.24 24.26 13.44
C ASP D 72 -9.92 24.27 14.23
N TYR D 73 -9.58 23.15 14.86
CA TYR D 73 -8.37 23.00 15.70
C TYR D 73 -7.17 22.47 14.89
N PHE D 74 -7.25 22.42 13.56
CA PHE D 74 -6.20 21.82 12.70
C PHE D 74 -4.83 22.46 12.95
N PRO D 75 -4.67 23.80 12.87
CA PRO D 75 -3.34 24.40 12.98
C PRO D 75 -2.56 23.88 14.20
N GLU D 76 -3.21 23.81 15.36
CA GLU D 76 -2.52 23.46 16.63
C GLU D 76 -2.43 21.95 16.82
N ILE D 77 -3.38 21.13 16.34
CA ILE D 77 -3.19 19.65 16.37
C ILE D 77 -1.93 19.30 15.57
N PHE D 78 -1.84 19.89 14.37
CA PHE D 78 -0.76 19.63 13.40
C PHE D 78 0.57 20.10 13.96
N ARG D 79 0.57 21.30 14.53
CA ARG D 79 1.79 21.90 15.11
C ARG D 79 2.25 21.02 16.25
N GLU D 80 1.32 20.64 17.11
CA GLU D 80 1.67 19.83 18.29
C GLU D 80 2.08 18.44 17.84
N ALA D 81 1.38 17.87 16.84
CA ALA D 81 1.76 16.56 16.28
C ALA D 81 3.20 16.63 15.80
N SER D 82 3.52 17.70 15.07
CA SER D 82 4.84 17.96 14.47
C SER D 82 5.90 18.05 15.57
N VAL D 83 5.62 18.77 16.64
CA VAL D 83 6.57 18.82 17.78
C VAL D 83 6.86 17.38 18.25
N CYS D 84 5.83 16.55 18.47
CA CYS D 84 6.00 15.14 18.92
C CYS D 84 6.85 14.36 17.92
N MET D 85 6.47 14.39 16.66
CA MET D 85 7.27 13.69 15.62
C MET D 85 8.73 14.09 15.80
N GLN D 86 8.98 15.39 16.03
CA GLN D 86 10.39 15.84 16.08
C GLN D 86 11.08 15.32 17.35
N LEU D 87 10.62 15.76 18.51
CA LEU D 87 11.46 15.59 19.73
C LEU D 87 11.46 14.13 20.18
N LEU D 88 10.39 13.39 19.88
CA LEU D 88 10.25 11.99 20.38
C LEU D 88 10.85 11.03 19.35
N PHE D 89 10.59 11.28 18.06
CA PHE D 89 10.95 10.33 16.98
C PHE D 89 12.10 10.84 16.10
N GLY D 90 12.51 12.10 16.24
CA GLY D 90 13.58 12.67 15.38
C GLY D 90 13.13 12.70 13.94
N ILE D 91 11.87 13.07 13.71
CA ILE D 91 11.32 13.19 12.34
C ILE D 91 10.78 14.61 12.15
N ASP D 92 11.22 15.26 11.07
CA ASP D 92 10.76 16.59 10.60
C ASP D 92 9.62 16.47 9.58
N VAL D 93 8.62 17.32 9.73
CA VAL D 93 7.48 17.41 8.78
C VAL D 93 7.83 18.53 7.78
N LYS D 94 7.87 18.21 6.49
CA LYS D 94 8.32 19.15 5.44
C LYS D 94 7.18 19.38 4.44
N GLU D 95 6.87 20.65 4.20
CA GLU D 95 5.87 21.03 3.18
C GLU D 95 6.52 20.87 1.81
N VAL D 96 5.88 20.11 0.93
CA VAL D 96 6.42 19.89 -0.43
C VAL D 96 5.50 20.51 -1.48
N ASP D 97 4.28 20.90 -1.10
CA ASP D 97 3.35 21.64 -2.00
C ASP D 97 2.51 22.60 -1.14
N PRO D 98 2.78 23.92 -1.19
CA PRO D 98 1.96 24.89 -0.47
C PRO D 98 0.51 24.97 -0.95
N THR D 99 0.19 24.50 -2.15
CA THR D 99 -1.17 24.67 -2.72
C THR D 99 -2.09 23.51 -2.30
N SER D 100 -1.62 22.28 -2.40
CA SER D 100 -2.39 21.10 -1.94
C SER D 100 -2.22 20.91 -0.43
N HIS D 101 -1.29 21.64 0.22
CA HIS D 101 -0.91 21.42 1.63
C HIS D 101 -0.43 19.97 1.79
N SER D 102 0.56 19.59 0.97
CA SER D 102 1.16 18.23 0.99
C SER D 102 2.46 18.28 1.74
N TYR D 103 2.69 17.30 2.59
CA TYR D 103 3.92 17.20 3.40
C TYR D 103 4.53 15.84 3.22
N VAL D 104 5.84 15.80 3.47
CA VAL D 104 6.65 14.56 3.54
C VAL D 104 7.30 14.54 4.92
N LEU D 105 7.65 13.36 5.40
CA LEU D 105 8.33 13.15 6.69
C LEU D 105 9.74 12.72 6.40
N VAL D 106 10.73 13.38 7.00
CA VAL D 106 12.15 12.99 6.83
C VAL D 106 12.85 13.06 8.20
N THR D 107 13.93 12.33 8.32
CA THR D 107 14.72 12.32 9.56
C THR D 107 15.28 13.71 9.85
N SER D 108 15.15 14.12 11.11
CA SER D 108 15.68 15.40 11.66
C SER D 108 17.19 15.50 11.49
N LEU D 109 17.68 16.73 11.29
CA LEU D 109 19.12 17.05 11.14
C LEU D 109 19.69 16.27 9.95
N ASN D 110 18.86 15.81 9.04
CA ASN D 110 19.28 14.98 7.88
C ASN D 110 20.21 13.86 8.35
N LEU D 111 19.93 13.24 9.50
CA LEU D 111 20.65 12.01 9.90
C LEU D 111 20.28 10.90 8.90
N SER D 112 21.19 10.00 8.61
CA SER D 112 20.97 8.83 7.73
C SER D 112 20.47 7.62 8.53
N TYR D 113 20.23 7.72 9.85
CA TYR D 113 19.83 6.55 10.67
C TYR D 113 18.48 6.81 11.35
N ASP D 114 17.60 5.83 11.35
CA ASP D 114 16.38 5.89 12.20
C ASP D 114 16.21 4.60 13.04
N GLY D 115 17.12 3.64 12.93
CA GLY D 115 17.06 2.34 13.63
C GLY D 115 15.78 1.58 13.38
N ILE D 116 15.07 1.83 12.28
CA ILE D 116 13.87 1.01 11.93
C ILE D 116 14.34 -0.14 11.03
N SER D 122 9.28 -1.64 15.34
CA SER D 122 10.32 -0.73 15.90
C SER D 122 9.82 0.72 15.76
N MET D 123 10.03 1.53 16.79
CA MET D 123 9.78 2.99 16.70
C MET D 123 11.09 3.65 16.32
N PRO D 124 11.06 4.74 15.56
CA PRO D 124 12.29 5.40 15.15
C PRO D 124 13.07 5.83 16.41
N LYS D 125 14.40 5.67 16.37
CA LYS D 125 15.31 5.95 17.50
C LYS D 125 16.09 7.25 17.28
N SER D 126 15.90 7.91 16.13
CA SER D 126 16.62 9.15 15.72
C SER D 126 16.40 10.26 16.74
N GLY D 127 15.18 10.42 17.26
CA GLY D 127 14.88 11.38 18.33
C GLY D 127 15.82 11.19 19.51
N LEU D 128 15.91 9.96 20.01
CA LEU D 128 16.72 9.67 21.20
C LEU D 128 18.18 9.89 20.83
N LEU D 129 18.59 9.48 19.63
CA LEU D 129 20.00 9.65 19.19
C LEU D 129 20.35 11.14 19.25
N ILE D 130 19.47 12.00 18.74
CA ILE D 130 19.73 13.47 18.72
C ILE D 130 19.81 14.00 20.15
N ILE D 131 18.93 13.54 21.03
CA ILE D 131 18.93 13.97 22.45
C ILE D 131 20.29 13.62 23.07
N VAL D 132 20.75 12.38 22.85
CA VAL D 132 22.06 11.92 23.39
C VAL D 132 23.19 12.73 22.77
N LEU D 133 23.11 13.00 21.47
CA LEU D 133 24.14 13.87 20.84
C LEU D 133 24.08 15.25 21.51
N GLY D 134 22.89 15.75 21.82
CA GLY D 134 22.69 17.06 22.47
C GLY D 134 23.36 17.15 23.83
N VAL D 135 23.03 16.20 24.71
CA VAL D 135 23.54 16.09 26.11
C VAL D 135 25.06 16.04 26.08
N ILE D 136 25.65 15.21 25.24
CA ILE D 136 27.13 15.14 25.16
C ILE D 136 27.65 16.56 24.87
N PHE D 137 27.06 17.25 23.90
CA PHE D 137 27.56 18.59 23.47
C PHE D 137 27.38 19.57 24.64
N MET D 138 26.29 19.40 25.38
CA MET D 138 25.87 20.28 26.51
C MET D 138 26.84 20.12 27.70
N GLU D 139 27.54 19.00 27.75
CA GLU D 139 28.55 18.74 28.81
C GLU D 139 29.94 18.92 28.21
N GLY D 140 30.08 19.83 27.25
CA GLY D 140 31.41 20.20 26.72
C GLY D 140 32.04 19.08 25.92
N ASN D 141 31.20 18.24 25.29
CA ASN D 141 31.60 17.32 24.19
C ASN D 141 32.25 16.06 24.74
N CYS D 142 32.17 15.86 26.05
CA CYS D 142 32.64 14.62 26.71
C CYS D 142 31.85 14.49 28.01
N ILE D 143 31.15 13.37 28.21
CA ILE D 143 30.26 13.25 29.39
C ILE D 143 30.55 11.89 30.04
N PRO D 144 30.72 11.85 31.38
CA PRO D 144 30.81 10.57 32.09
C PRO D 144 29.47 9.83 31.98
N GLU D 145 29.56 8.51 31.91
CA GLU D 145 28.39 7.65 31.68
C GLU D 145 27.30 7.97 32.71
N GLU D 146 27.69 8.08 33.98
CA GLU D 146 26.74 8.21 35.11
C GLU D 146 25.94 9.48 34.87
N VAL D 147 26.60 10.52 34.38
CA VAL D 147 25.95 11.85 34.14
C VAL D 147 24.92 11.68 33.02
N MET D 148 25.26 10.93 31.97
CA MET D 148 24.31 10.60 30.88
C MET D 148 23.04 9.95 31.47
N TRP D 149 23.17 8.93 32.34
CA TRP D 149 22.01 8.16 32.86
C TRP D 149 21.19 9.08 33.76
N GLU D 150 21.90 9.94 34.49
CA GLU D 150 21.28 10.98 35.33
C GLU D 150 20.40 11.85 34.41
N VAL D 151 21.00 12.43 33.36
CA VAL D 151 20.21 13.31 32.45
C VAL D 151 19.08 12.50 31.81
N LEU D 152 19.36 11.30 31.29
CA LEU D 152 18.32 10.55 30.54
C LEU D 152 17.18 10.12 31.46
N SER D 153 17.38 10.09 32.79
CA SER D 153 16.31 9.63 33.69
C SER D 153 15.19 10.68 33.69
N ILE D 154 15.53 11.93 33.41
CA ILE D 154 14.55 13.04 33.35
C ILE D 154 13.44 12.61 32.38
N MET D 155 13.78 11.82 31.36
CA MET D 155 12.76 11.41 30.36
C MET D 155 12.33 9.94 30.53
N GLY D 156 12.64 9.31 31.67
CA GLY D 156 12.17 7.94 31.91
C GLY D 156 12.95 6.96 31.07
N VAL D 157 14.20 7.31 30.73
CA VAL D 157 15.12 6.38 30.03
C VAL D 157 16.11 5.89 31.05
N TYR D 158 16.23 4.56 31.19
CA TYR D 158 16.87 3.87 32.34
C TYR D 158 17.79 2.76 31.87
N ALA D 159 19.08 2.81 32.19
CA ALA D 159 19.95 1.64 31.90
C ALA D 159 19.31 0.39 32.52
N GLY D 160 19.26 -0.70 31.75
CA GLY D 160 18.88 -2.04 32.23
C GLY D 160 17.38 -2.22 32.28
N ARG D 161 16.62 -1.21 31.89
CA ARG D 161 15.14 -1.33 31.74
C ARG D 161 14.75 -1.20 30.28
N GLU D 162 13.64 -1.84 29.93
CA GLU D 162 13.09 -1.91 28.56
C GLU D 162 12.15 -0.73 28.38
N HIS D 163 12.59 0.28 27.63
CA HIS D 163 11.77 1.48 27.35
C HIS D 163 10.69 1.09 26.34
N PHE D 164 9.45 1.53 26.53
CA PHE D 164 8.29 1.15 25.68
C PHE D 164 8.44 1.68 24.23
N LEU D 165 9.36 2.59 23.94
CA LEU D 165 9.63 3.01 22.53
C LEU D 165 11.00 2.51 22.09
N PHE D 166 12.02 2.69 22.91
CA PHE D 166 13.41 2.64 22.38
C PHE D 166 14.13 1.37 22.83
N GLY D 167 13.46 0.47 23.57
CA GLY D 167 14.08 -0.77 24.06
C GLY D 167 15.10 -0.49 25.15
N GLU D 168 16.10 -1.35 25.26
CA GLU D 168 17.08 -1.27 26.36
C GLU D 168 18.18 -0.29 25.94
N PRO D 169 18.28 0.88 26.61
CA PRO D 169 19.09 1.98 26.10
C PRO D 169 20.60 1.78 26.30
N LYS D 170 20.98 1.00 27.31
CA LYS D 170 22.42 0.78 27.63
C LYS D 170 23.07 0.09 26.45
N ARG D 171 22.41 -0.91 25.88
CA ARG D 171 22.91 -1.61 24.66
C ARG D 171 22.78 -0.66 23.47
N LEU D 172 21.66 0.03 23.35
CA LEU D 172 21.43 1.01 22.27
C LEU D 172 22.59 2.02 22.24
N LEU D 173 22.95 2.60 23.38
CA LEU D 173 24.02 3.65 23.43
C LEU D 173 25.39 3.01 23.28
N THR D 174 25.67 1.98 24.08
CA THR D 174 27.06 1.48 24.26
C THR D 174 27.44 0.51 23.15
N GLN D 175 26.48 -0.06 22.42
CA GLN D 175 26.80 -1.05 21.36
C GLN D 175 26.25 -0.57 20.01
N ASN D 176 24.93 -0.52 19.86
CA ASN D 176 24.34 -0.17 18.55
C ASN D 176 25.03 1.11 18.01
N TRP D 177 25.03 2.19 18.79
CA TRP D 177 25.37 3.53 18.24
C TRP D 177 26.88 3.70 18.18
N VAL D 178 27.61 2.82 18.87
CA VAL D 178 29.09 2.73 18.73
C VAL D 178 29.41 2.05 17.40
N GLN D 179 28.73 0.95 17.12
CA GLN D 179 28.84 0.19 15.83
C GLN D 179 28.40 1.11 14.68
N GLU D 180 27.30 1.85 14.86
CA GLU D 180 26.83 2.83 13.86
C GLU D 180 27.79 4.04 13.71
N LYS D 181 28.70 4.27 14.66
CA LYS D 181 29.79 5.30 14.59
C LYS D 181 29.27 6.69 14.94
N TYR D 182 28.10 6.76 15.58
CA TYR D 182 27.53 8.02 16.09
C TYR D 182 28.18 8.37 17.44
N LEU D 183 28.49 7.36 18.25
CA LEU D 183 29.05 7.53 19.61
C LEU D 183 30.42 6.84 19.73
N VAL D 184 31.31 7.48 20.45
CA VAL D 184 32.54 6.87 21.02
C VAL D 184 32.26 6.60 22.51
N TYR D 185 32.49 5.37 22.94
CA TYR D 185 32.29 4.94 24.34
C TYR D 185 33.60 4.37 24.86
N ARG D 186 34.25 5.03 25.82
CA ARG D 186 35.66 4.70 26.18
C ARG D 186 35.92 4.82 27.68
N GLN D 187 36.90 4.03 28.13
CA GLN D 187 37.48 4.07 29.48
C GLN D 187 38.11 5.44 29.72
N VAL D 188 37.67 6.08 30.80
CA VAL D 188 38.41 7.21 31.42
C VAL D 188 39.72 6.61 31.90
N PRO D 189 40.86 7.03 31.30
CA PRO D 189 42.15 6.43 31.61
C PRO D 189 42.33 6.25 33.13
N PRO D 193 38.79 1.53 39.58
CA PRO D 193 38.46 0.47 38.65
C PRO D 193 38.20 1.01 37.22
N ALA D 194 37.00 0.80 36.69
CA ALA D 194 36.65 1.12 35.29
C ALA D 194 35.44 2.06 35.21
N CYS D 195 35.67 3.28 34.73
CA CYS D 195 34.62 4.30 34.44
C CYS D 195 34.70 4.74 32.98
N TYR D 196 33.54 5.01 32.39
CA TYR D 196 33.40 5.22 30.93
C TYR D 196 32.81 6.58 30.60
N GLU D 197 33.21 7.11 29.46
CA GLU D 197 32.74 8.43 28.97
C GLU D 197 32.23 8.31 27.53
N PHE D 198 31.23 9.15 27.22
CA PHE D 198 30.65 9.32 25.87
C PHE D 198 31.19 10.58 25.19
N LEU D 199 31.56 10.43 23.93
CA LEU D 199 31.81 11.50 22.95
C LEU D 199 31.03 11.21 21.67
N TRP D 200 30.88 12.25 20.86
CA TRP D 200 30.46 12.14 19.45
C TRP D 200 31.43 11.24 18.69
N GLY D 201 30.87 10.36 17.88
CA GLY D 201 31.62 9.54 16.93
C GLY D 201 31.77 10.25 15.59
N PRO D 202 32.58 9.69 14.69
CA PRO D 202 32.88 10.35 13.41
C PRO D 202 31.61 10.58 12.57
N ARG D 203 30.59 9.74 12.73
CA ARG D 203 29.37 9.84 11.89
C ARG D 203 28.53 11.00 12.41
N ALA D 204 28.66 11.34 13.68
CA ALA D 204 27.92 12.49 14.22
C ALA D 204 28.52 13.77 13.60
N HIS D 205 29.85 13.86 13.59
CA HIS D 205 30.59 15.00 13.00
C HIS D 205 30.31 15.07 11.51
N ALA D 206 30.19 13.93 10.83
CA ALA D 206 29.99 13.90 9.37
C ALA D 206 28.59 14.43 9.05
N GLU D 207 27.60 14.09 9.85
CA GLU D 207 26.18 14.26 9.45
C GLU D 207 25.61 15.56 9.99
N THR D 208 26.22 16.15 11.03
CA THR D 208 25.67 17.37 11.67
C THR D 208 26.82 18.21 12.23
N SER D 209 26.44 19.22 13.01
CA SER D 209 27.33 20.22 13.62
C SER D 209 26.75 20.63 14.98
N LYS D 210 27.64 21.14 15.83
CA LYS D 210 27.24 21.76 17.11
C LYS D 210 26.15 22.79 16.87
N MET D 211 26.36 23.71 15.94
CA MET D 211 25.37 24.79 15.79
C MET D 211 24.00 24.19 15.46
N LYS D 212 23.93 23.18 14.57
CA LYS D 212 22.63 22.60 14.15
C LYS D 212 21.98 21.86 15.34
N VAL D 213 22.75 21.12 16.14
CA VAL D 213 22.27 20.43 17.38
C VAL D 213 21.83 21.48 18.42
N LEU D 214 22.53 22.62 18.49
CA LEU D 214 22.15 23.71 19.43
C LEU D 214 20.81 24.33 19.02
N GLU D 215 20.59 24.55 17.73
CA GLU D 215 19.29 25.08 17.21
C GLU D 215 18.16 24.10 17.57
N TYR D 216 18.40 22.82 17.36
CA TYR D 216 17.39 21.78 17.70
C TYR D 216 17.10 21.89 19.20
N ILE D 217 18.14 21.92 20.02
CA ILE D 217 17.98 21.92 21.51
C ILE D 217 17.15 23.15 21.88
N ALA D 218 17.56 24.32 21.37
CA ALA D 218 16.92 25.60 21.73
C ALA D 218 15.48 25.62 21.23
N ASN D 219 15.27 25.14 20.01
CA ASN D 219 13.92 25.18 19.38
C ASN D 219 13.01 24.27 20.21
N ALA D 220 13.51 23.19 20.85
CA ALA D 220 12.66 22.29 21.67
C ALA D 220 11.87 23.13 22.69
N ASN D 221 12.45 24.25 23.14
CA ASN D 221 11.79 25.12 24.13
C ASN D 221 11.47 26.53 23.61
N GLY D 222 11.36 26.74 22.30
CA GLY D 222 11.10 28.10 21.75
C GLY D 222 12.19 29.12 22.11
N ARG D 223 13.43 28.70 22.33
CA ARG D 223 14.51 29.67 22.60
C ARG D 223 15.44 29.77 21.39
N ASP D 224 16.28 30.79 21.42
CA ASP D 224 17.33 31.04 20.42
C ASP D 224 18.60 30.35 20.90
N PRO D 225 19.46 29.86 19.98
CA PRO D 225 20.77 29.32 20.35
C PRO D 225 21.60 30.21 21.30
N THR D 226 21.45 31.53 21.21
CA THR D 226 22.23 32.49 22.03
C THR D 226 21.84 32.40 23.52
N SER D 227 20.65 31.86 23.87
CA SER D 227 20.25 31.68 25.30
C SER D 227 21.09 30.61 26.00
N TYR D 228 21.94 29.89 25.27
CA TYR D 228 22.98 28.98 25.83
C TYR D 228 24.35 29.55 25.48
N PRO D 229 24.82 30.58 26.23
CA PRO D 229 25.99 31.36 25.79
C PRO D 229 27.26 30.54 25.60
N SER D 230 27.54 29.56 26.47
CA SER D 230 28.74 28.65 26.39
C SER D 230 28.65 27.79 25.14
N LEU D 231 27.50 27.15 24.96
CA LEU D 231 27.29 26.24 23.81
C LEU D 231 27.35 27.06 22.54
N TYR D 232 26.80 28.27 22.56
CA TYR D 232 26.76 29.14 21.34
C TYR D 232 28.19 29.42 20.92
N GLU D 233 29.09 29.69 21.87
CA GLU D 233 30.47 30.08 21.51
C GLU D 233 31.24 28.87 21.02
N ASP D 234 31.06 27.72 21.68
CA ASP D 234 31.64 26.42 21.24
C ASP D 234 31.18 26.13 19.80
N ALA D 235 29.88 26.17 19.53
CA ALA D 235 29.31 25.87 18.18
C ALA D 235 29.77 26.91 17.14
N LEU D 236 29.86 28.16 17.58
CA LEU D 236 30.41 29.27 16.76
C LEU D 236 31.89 29.03 16.48
N ARG D 237 32.61 28.46 17.46
CA ARG D 237 34.06 28.17 17.33
C ARG D 237 34.27 27.07 16.29
N GLU D 238 33.39 26.06 16.29
CA GLU D 238 33.45 24.94 15.30
C GLU D 238 33.19 25.46 13.88
N GLU D 239 32.24 26.39 13.70
CA GLU D 239 32.03 27.05 12.38
C GLU D 239 33.28 27.86 12.02
N GLY D 240 34.01 28.37 13.01
CA GLY D 240 35.30 29.06 12.81
C GLY D 240 36.40 28.07 12.45
#